data_6WBQ
#
_entry.id   6WBQ
#
_cell.length_a   80.630
_cell.length_b   80.630
_cell.length_c   246.811
_cell.angle_alpha   90.000
_cell.angle_beta   90.000
_cell.angle_gamma   120.000
#
_symmetry.space_group_name_H-M   'P 31 2 1'
#
loop_
_entity.id
_entity.type
_entity.pdbx_description
1 polymer 'Polyamine deacetylase HDAC10'
2 non-polymer 4-[(2-methyl-3,4-dihydro-1~{H}-pyrido[4,3-b]indol-5-yl)methyl]-~{N}-oxidanyl-benzamide
3 non-polymer 1,2-ETHANEDIOL
4 non-polymer 'POTASSIUM ION'
5 non-polymer 'PHOSPHATE ION'
6 non-polymer 'ZINC ION'
7 water water
#
_entity_poly.entity_id   1
_entity_poly.type   'polypeptide(L)'
_entity_poly.pdbx_seq_one_letter_code
;AASGSALIFDEEMSRYKLLWTDPECEIEVPERLTVSYEALRTHGLAQRCKAVPVRQATEQEILLAHSEEYLEAVKQTPGM
NVEELMAFSKKYNAVYFHQNIYHCAKLAAGATLQLVDSVMKREVRNGMALVRPPGHHSQRSAANGFCVFNNVAFAALYAK
KNYNLNRILIVDWDVHHGQGIQYCFEEDPSVLYFSWHRYEHQSFWPNLPESDYSSVGKGKGSGFNINLPWNKVGMTNSDY
LAAFFHVLLPVAYEFDPELVIVSAGFDSAIGDPEGEMCALPEIFAHLTHLLMPLAAGKMCVVLEGGYNLTSLGQSVCQTV
HSLLGDPTPRISGLGTACDSALESIQNVRNVQSSYWSSFKHLAQSETNPKRPRLDATNGGPKESSEPASESNPKKTAQDI
VWPEPLKRMPASVRTVVVPPPGVELTLPKNCQHSGDISESTAKEVQRIRDKHFHDLTDQNILRSLGNIISVLDRMMRSDE
VCNGCVVVSDLSVSVQCALQHALTEPAERVLVVYVGDGELPVKTNDGKVFLVQICTKETEDKCVNRLTLCLREGESLTAG
FMQALLGLILPVAYEFNPALVLGIVEETAAKTRLMRVWGHMTCLIQGLARGRMLTLLQGYDKDLLELTVSALSGASISPL
GPLRAPKPEDVEMMEKQRQRLQERWGLLRCTVSESW
;
_entity_poly.pdbx_strand_id   A
#
loop_
_chem_comp.id
_chem_comp.type
_chem_comp.name
_chem_comp.formula
EDO non-polymer 1,2-ETHANEDIOL 'C2 H6 O2'
K non-polymer 'POTASSIUM ION' 'K 1'
N9W non-polymer 4-[(2-methyl-3,4-dihydro-1~{H}-pyrido[4,3-b]indol-5-yl)methyl]-~{N}-oxidanyl-benzamide 'C20 H21 N3 O2'
PO4 non-polymer 'PHOSPHATE ION' 'O4 P -3'
ZN non-polymer 'ZINC ION' 'Zn 2'
#
# COMPACT_ATOMS: atom_id res chain seq x y z
N ALA A 1 0.32 19.60 10.72
CA ALA A 1 0.11 18.45 9.85
C ALA A 1 -0.92 17.51 10.49
N ALA A 2 -1.86 17.03 9.68
CA ALA A 2 -2.98 16.27 10.21
C ALA A 2 -2.52 14.97 10.86
N SER A 3 -3.37 14.47 11.77
CA SER A 3 -3.14 13.18 12.40
C SER A 3 -4.50 12.54 12.64
N GLY A 4 -4.48 11.25 12.94
CA GLY A 4 -5.69 10.49 13.18
C GLY A 4 -6.26 9.87 11.91
N SER A 5 -7.14 8.89 12.10
CA SER A 5 -7.84 8.21 11.03
C SER A 5 -9.34 8.26 11.29
N ALA A 6 -10.09 8.67 10.29
CA ALA A 6 -11.54 8.71 10.40
C ALA A 6 -12.13 7.34 10.15
N LEU A 7 -13.18 7.01 10.90
CA LEU A 7 -13.95 5.81 10.64
C LEU A 7 -15.41 6.21 10.55
N ILE A 8 -16.02 5.97 9.40
CA ILE A 8 -17.36 6.46 9.15
C ILE A 8 -18.25 5.25 8.94
N PHE A 9 -19.32 5.19 9.72
CA PHE A 9 -20.18 4.02 9.79
C PHE A 9 -21.50 4.43 10.44
N ASP A 10 -22.59 3.81 10.00
CA ASP A 10 -23.88 4.00 10.64
C ASP A 10 -24.70 2.74 10.46
N GLU A 11 -25.31 2.28 11.56
CA GLU A 11 -26.11 1.08 11.52
C GLU A 11 -27.29 1.21 10.56
N GLU A 12 -27.67 2.43 10.19
CA GLU A 12 -28.82 2.57 9.30
C GLU A 12 -28.58 1.87 7.96
N MET A 13 -27.33 1.82 7.49
CA MET A 13 -27.03 1.22 6.19
C MET A 13 -27.15 -0.30 6.22
N SER A 14 -27.32 -0.91 7.39
CA SER A 14 -27.65 -2.33 7.46
C SER A 14 -29.14 -2.58 7.40
N ARG A 15 -29.96 -1.54 7.22
CA ARG A 15 -31.41 -1.65 7.32
C ARG A 15 -32.07 -1.66 5.94
N TYR A 16 -31.53 -2.50 5.06
CA TYR A 16 -32.21 -2.92 3.84
C TYR A 16 -31.58 -4.25 3.46
N LYS A 17 -32.34 -5.07 2.75
CA LYS A 17 -31.89 -6.42 2.43
C LYS A 17 -32.70 -6.95 1.25
N LEU A 18 -32.28 -8.10 0.76
CA LEU A 18 -33.01 -8.77 -0.32
C LEU A 18 -34.34 -9.32 0.19
N LEU A 19 -35.42 -9.01 -0.53
CA LEU A 19 -36.78 -9.36 -0.09
C LEU A 19 -37.42 -10.51 -0.87
N TRP A 20 -36.72 -11.12 -1.81
CA TRP A 20 -37.24 -12.27 -2.55
C TRP A 20 -36.10 -13.25 -2.80
N THR A 21 -36.46 -14.46 -3.21
CA THR A 21 -35.46 -15.49 -3.44
C THR A 21 -34.69 -15.20 -4.72
N ASP A 22 -33.39 -15.27 -4.63
CA ASP A 22 -32.46 -15.05 -5.73
C ASP A 22 -31.09 -15.48 -5.23
N PRO A 23 -30.66 -16.70 -5.54
CA PRO A 23 -29.37 -17.18 -5.03
C PRO A 23 -28.19 -16.30 -5.42
N GLU A 24 -28.28 -15.59 -6.54
CA GLU A 24 -27.16 -14.76 -6.98
C GLU A 24 -26.94 -13.59 -6.02
N CYS A 25 -28.01 -12.85 -5.70
CA CYS A 25 -27.88 -11.64 -4.89
C CYS A 25 -27.88 -11.90 -3.40
N GLU A 26 -28.18 -13.12 -2.95
CA GLU A 26 -28.38 -13.29 -1.52
C GLU A 26 -27.10 -13.19 -0.71
N ILE A 27 -25.94 -12.99 -1.34
CA ILE A 27 -24.71 -12.82 -0.58
C ILE A 27 -24.54 -11.40 -0.07
N GLU A 28 -25.30 -10.44 -0.60
CA GLU A 28 -25.14 -9.05 -0.19
C GLU A 28 -26.09 -8.81 0.98
N VAL A 29 -25.56 -8.88 2.20
CA VAL A 29 -26.38 -8.94 3.42
C VAL A 29 -26.05 -7.79 4.36
N PRO A 30 -27.01 -7.33 5.18
CA PRO A 30 -26.69 -6.35 6.22
C PRO A 30 -25.52 -6.75 7.09
N GLU A 31 -25.37 -8.05 7.38
CA GLU A 31 -24.34 -8.49 8.32
C GLU A 31 -22.94 -8.16 7.84
N ARG A 32 -22.73 -7.89 6.55
CA ARG A 32 -21.40 -7.47 6.08
C ARG A 32 -20.93 -6.24 6.84
N LEU A 33 -21.82 -5.28 7.05
CA LEU A 33 -21.44 -4.06 7.75
C LEU A 33 -21.30 -4.32 9.25
N THR A 34 -22.25 -5.04 9.84
CA THR A 34 -22.21 -5.28 11.27
C THR A 34 -20.98 -6.10 11.67
N VAL A 35 -20.66 -7.15 10.89
CA VAL A 35 -19.48 -7.95 11.20
C VAL A 35 -18.19 -7.13 11.07
N SER A 36 -18.13 -6.22 10.10
CA SER A 36 -16.88 -5.46 9.93
C SER A 36 -16.67 -4.45 11.06
N TYR A 37 -17.72 -3.75 11.45
CA TYR A 37 -17.59 -2.79 12.53
C TYR A 37 -17.29 -3.51 13.85
N GLU A 38 -18.01 -4.60 14.11
CA GLU A 38 -17.78 -5.38 15.33
C GLU A 38 -16.37 -5.96 15.36
N ALA A 39 -15.83 -6.38 14.21
CA ALA A 39 -14.44 -6.83 14.19
C ALA A 39 -13.49 -5.70 14.53
N LEU A 40 -13.74 -4.51 14.00
CA LEU A 40 -12.94 -3.34 14.37
C LEU A 40 -13.07 -3.03 15.86
N ARG A 41 -14.28 -3.15 16.41
CA ARG A 41 -14.45 -2.90 17.85
C ARG A 41 -13.73 -3.95 18.68
N THR A 42 -13.95 -5.23 18.37
CA THR A 42 -13.28 -6.32 19.07
C THR A 42 -11.78 -6.12 19.15
N HIS A 43 -11.15 -5.61 18.09
CA HIS A 43 -9.71 -5.44 18.08
C HIS A 43 -9.25 -4.07 18.55
N GLY A 44 -10.15 -3.26 19.10
CA GLY A 44 -9.76 -1.96 19.63
C GLY A 44 -9.46 -0.91 18.59
N LEU A 45 -9.79 -1.17 17.31
CA LEU A 45 -9.42 -0.26 16.23
C LEU A 45 -10.43 0.87 16.09
N ALA A 46 -11.73 0.53 16.15
CA ALA A 46 -12.75 1.56 16.03
C ALA A 46 -12.58 2.64 17.09
N GLN A 47 -12.20 2.22 18.32
CA GLN A 47 -11.98 3.13 19.42
C GLN A 47 -10.82 4.10 19.19
N ARG A 48 -9.83 3.74 18.36
CA ARG A 48 -8.71 4.63 18.08
C ARG A 48 -8.96 5.52 16.87
N CYS A 49 -10.12 5.39 16.23
CA CYS A 49 -10.49 6.20 15.08
C CYS A 49 -11.39 7.36 15.49
N LYS A 50 -11.26 8.47 14.78
CA LYS A 50 -12.23 9.56 14.92
C LYS A 50 -13.53 9.18 14.23
N ALA A 51 -14.61 9.05 15.00
CA ALA A 51 -15.91 8.77 14.41
C ALA A 51 -16.42 10.07 13.80
N VAL A 52 -16.72 10.03 12.51
CA VAL A 52 -17.32 11.14 11.79
C VAL A 52 -18.72 10.70 11.37
N PRO A 53 -19.76 11.49 11.63
CA PRO A 53 -21.11 11.04 11.32
C PRO A 53 -21.34 10.96 9.82
N VAL A 54 -22.18 10.01 9.41
CA VAL A 54 -22.68 9.99 8.05
C VAL A 54 -23.65 11.14 7.84
N ARG A 55 -23.90 11.45 6.57
CA ARG A 55 -24.91 12.41 6.18
C ARG A 55 -25.51 11.93 4.87
N GLN A 56 -26.59 12.57 4.44
CA GLN A 56 -27.14 12.26 3.13
C GLN A 56 -26.37 13.05 2.09
N ALA A 57 -26.04 12.40 0.99
CA ALA A 57 -25.68 13.14 -0.21
C ALA A 57 -26.88 13.97 -0.64
N THR A 58 -26.62 15.23 -1.00
CA THR A 58 -27.69 16.10 -1.49
C THR A 58 -28.01 15.74 -2.95
N GLU A 59 -29.18 16.20 -3.41
CA GLU A 59 -29.55 16.04 -4.82
C GLU A 59 -28.47 16.60 -5.73
N GLN A 60 -28.01 17.81 -5.43
CA GLN A 60 -26.96 18.44 -6.24
C GLN A 60 -25.72 17.57 -6.31
N GLU A 61 -25.32 16.98 -5.17
CA GLU A 61 -24.13 16.13 -5.16
C GLU A 61 -24.35 14.86 -5.97
N ILE A 62 -25.53 14.25 -5.89
CA ILE A 62 -25.82 13.06 -6.68
C ILE A 62 -25.72 13.38 -8.16
N LEU A 63 -26.19 14.55 -8.59
CA LEU A 63 -26.17 14.94 -9.99
C LEU A 63 -24.76 15.20 -10.53
N LEU A 64 -23.72 15.14 -9.70
CA LEU A 64 -22.36 15.23 -10.22
C LEU A 64 -22.02 13.99 -11.04
N ALA A 65 -22.65 12.86 -10.74
CA ALA A 65 -22.32 11.63 -11.39
C ALA A 65 -23.49 10.93 -12.04
N HIS A 66 -24.73 11.32 -11.72
CA HIS A 66 -25.88 10.57 -12.20
C HIS A 66 -26.87 11.54 -12.86
N SER A 67 -27.74 10.98 -13.69
CA SER A 67 -28.65 11.80 -14.47
C SER A 67 -29.91 12.09 -13.66
N GLU A 68 -30.59 13.19 -14.02
CA GLU A 68 -31.84 13.52 -13.35
C GLU A 68 -32.86 12.41 -13.52
N GLU A 69 -32.90 11.80 -14.70
CA GLU A 69 -33.89 10.75 -14.97
C GLU A 69 -33.66 9.54 -14.07
N TYR A 70 -32.41 9.14 -13.88
CA TYR A 70 -32.13 7.98 -13.06
C TYR A 70 -32.38 8.28 -11.58
N LEU A 71 -31.96 9.46 -11.12
CA LEU A 71 -32.21 9.84 -9.73
C LEU A 71 -33.71 9.89 -9.45
N GLU A 72 -34.48 10.52 -10.34
CA GLU A 72 -35.92 10.58 -10.16
C GLU A 72 -36.54 9.18 -10.08
N ALA A 73 -36.04 8.24 -10.89
CA ALA A 73 -36.59 6.89 -10.84
C ALA A 73 -36.25 6.19 -9.51
N VAL A 74 -35.03 6.34 -9.03
CA VAL A 74 -34.65 5.70 -7.77
C VAL A 74 -35.42 6.33 -6.61
N LYS A 75 -35.63 7.66 -6.66
CA LYS A 75 -36.35 8.39 -5.62
C LYS A 75 -37.78 7.88 -5.42
N GLN A 76 -38.32 7.14 -6.38
CA GLN A 76 -39.67 6.59 -6.20
CA GLN A 76 -39.66 6.56 -6.27
C GLN A 76 -39.66 5.22 -5.55
N THR A 77 -38.50 4.60 -5.36
CA THR A 77 -38.51 3.25 -4.83
C THR A 77 -38.95 3.18 -3.36
N PRO A 78 -38.78 4.22 -2.53
CA PRO A 78 -39.27 4.06 -1.15
C PRO A 78 -40.77 3.87 -1.07
N GLY A 79 -41.53 4.38 -2.04
CA GLY A 79 -42.96 4.17 -2.10
C GLY A 79 -43.42 2.85 -2.68
N MET A 80 -42.51 1.97 -3.08
CA MET A 80 -42.85 0.75 -3.80
C MET A 80 -43.06 -0.43 -2.87
N ASN A 81 -44.01 -1.29 -3.19
CA ASN A 81 -44.16 -2.55 -2.47
C ASN A 81 -43.22 -3.59 -3.08
N VAL A 82 -43.29 -4.81 -2.56
CA VAL A 82 -42.31 -5.83 -2.94
C VAL A 82 -42.45 -6.18 -4.43
N GLU A 83 -43.69 -6.38 -4.89
CA GLU A 83 -43.94 -6.62 -6.31
C GLU A 83 -43.35 -5.51 -7.17
N GLU A 84 -43.63 -4.26 -6.81
CA GLU A 84 -43.10 -3.15 -7.58
C GLU A 84 -41.58 -3.04 -7.46
N LEU A 85 -41.02 -3.39 -6.31
CA LEU A 85 -39.57 -3.34 -6.14
C LEU A 85 -38.86 -4.40 -6.98
N MET A 86 -39.45 -5.59 -7.07
CA MET A 86 -38.86 -6.63 -7.91
C MET A 86 -38.90 -6.23 -9.38
N ALA A 87 -40.06 -5.74 -9.85
CA ALA A 87 -40.14 -5.28 -11.25
C ALA A 87 -39.15 -4.16 -11.52
N PHE A 88 -38.97 -3.23 -10.58
CA PHE A 88 -37.98 -2.16 -10.79
C PHE A 88 -36.56 -2.72 -10.80
N SER A 89 -36.29 -3.73 -9.96
CA SER A 89 -34.94 -4.30 -9.91
C SER A 89 -34.58 -4.96 -11.24
N LYS A 90 -35.53 -5.68 -11.85
CA LYS A 90 -35.31 -6.41 -13.08
C LYS A 90 -35.09 -5.53 -14.30
N LYS A 91 -35.28 -4.21 -14.18
CA LYS A 91 -34.82 -3.29 -15.22
C LYS A 91 -33.31 -3.18 -15.27
N TYR A 92 -32.60 -3.71 -14.30
CA TYR A 92 -31.16 -3.56 -14.21
C TYR A 92 -30.55 -4.93 -14.02
N ASN A 93 -29.23 -4.98 -14.10
CA ASN A 93 -28.48 -6.23 -13.96
C ASN A 93 -27.88 -6.36 -12.57
N ALA A 94 -28.13 -7.51 -11.92
CA ALA A 94 -27.44 -7.94 -10.71
C ALA A 94 -27.62 -6.94 -9.56
N VAL A 95 -28.82 -6.41 -9.40
CA VAL A 95 -29.08 -5.44 -8.34
C VAL A 95 -30.51 -5.65 -7.84
N TYR A 96 -30.72 -5.47 -6.54
CA TYR A 96 -32.03 -5.56 -5.95
C TYR A 96 -32.34 -4.27 -5.18
N PHE A 97 -33.62 -3.96 -5.06
CA PHE A 97 -34.06 -2.74 -4.43
C PHE A 97 -34.92 -3.07 -3.22
N HIS A 98 -35.00 -2.11 -2.30
CA HIS A 98 -35.68 -2.26 -1.03
C HIS A 98 -36.22 -0.88 -0.66
N GLN A 99 -37.33 -0.85 0.12
CA GLN A 99 -37.95 0.42 0.53
C GLN A 99 -36.95 1.40 1.10
N ASN A 100 -35.93 0.90 1.79
CA ASN A 100 -34.95 1.74 2.46
C ASN A 100 -33.65 1.93 1.67
N ILE A 101 -33.52 1.36 0.47
CA ILE A 101 -32.19 1.36 -0.15
C ILE A 101 -31.83 2.73 -0.74
N TYR A 102 -32.82 3.50 -1.21
CA TYR A 102 -32.53 4.85 -1.68
C TYR A 102 -31.95 5.71 -0.55
N HIS A 103 -32.58 5.63 0.62
CA HIS A 103 -32.08 6.29 1.83
C HIS A 103 -30.65 5.85 2.12
N CYS A 104 -30.41 4.54 2.15
CA CYS A 104 -29.07 4.05 2.47
C CYS A 104 -28.04 4.43 1.42
N ALA A 105 -28.45 4.49 0.14
CA ALA A 105 -27.52 4.90 -0.91
C ALA A 105 -27.10 6.36 -0.73
N LYS A 106 -28.03 7.22 -0.32
CA LYS A 106 -27.63 8.58 -0.04
C LYS A 106 -26.72 8.64 1.18
N LEU A 107 -26.89 7.71 2.12
CA LEU A 107 -26.00 7.67 3.29
C LEU A 107 -24.61 7.19 2.91
N ALA A 108 -24.55 6.10 2.13
CA ALA A 108 -23.28 5.57 1.65
C ALA A 108 -22.51 6.64 0.90
N ALA A 109 -23.19 7.37 0.02
CA ALA A 109 -22.53 8.44 -0.73
C ALA A 109 -22.17 9.61 0.18
N GLY A 110 -23.07 10.00 1.09
CA GLY A 110 -22.73 11.09 1.99
C GLY A 110 -21.59 10.72 2.92
N ALA A 111 -21.60 9.49 3.43
CA ALA A 111 -20.48 9.01 4.24
C ALA A 111 -19.16 9.18 3.50
N THR A 112 -19.15 8.81 2.22
CA THR A 112 -17.91 8.98 1.45
C THR A 112 -17.52 10.45 1.37
N LEU A 113 -18.51 11.32 1.10
CA LEU A 113 -18.22 12.75 1.01
C LEU A 113 -17.69 13.29 2.34
N GLN A 114 -18.23 12.81 3.47
CA GLN A 114 -17.72 13.19 4.78
C GLN A 114 -16.26 12.77 4.94
N LEU A 115 -15.92 11.59 4.45
CA LEU A 115 -14.52 11.13 4.51
C LEU A 115 -13.63 12.04 3.70
N VAL A 116 -14.06 12.38 2.48
CA VAL A 116 -13.28 13.29 1.64
C VAL A 116 -13.06 14.63 2.34
N ASP A 117 -14.12 15.18 2.95
CA ASP A 117 -13.96 16.47 3.62
C ASP A 117 -13.03 16.37 4.82
N SER A 118 -13.16 15.31 5.63
CA SER A 118 -12.30 15.17 6.80
C SER A 118 -10.82 15.12 6.40
N VAL A 119 -10.51 14.42 5.30
CA VAL A 119 -9.12 14.28 4.89
C VAL A 119 -8.61 15.57 4.24
N MET A 120 -9.39 16.14 3.32
CA MET A 120 -8.93 17.32 2.60
C MET A 120 -8.89 18.57 3.49
N LYS A 121 -9.71 18.62 4.53
CA LYS A 121 -9.62 19.71 5.51
C LYS A 121 -8.54 19.48 6.55
N ARG A 122 -7.72 18.44 6.39
CA ARG A 122 -6.64 18.09 7.32
C ARG A 122 -7.16 17.82 8.74
N GLU A 123 -8.44 17.48 8.87
CA GLU A 123 -8.96 17.11 10.18
C GLU A 123 -8.48 15.72 10.59
N VAL A 124 -8.16 14.86 9.61
CA VAL A 124 -7.53 13.57 9.84
C VAL A 124 -6.52 13.34 8.73
N ARG A 125 -5.62 12.40 8.96
CA ARG A 125 -4.67 12.03 7.90
C ARG A 125 -5.37 11.24 6.80
N ASN A 126 -6.25 10.31 7.17
CA ASN A 126 -6.78 9.32 6.25
C ASN A 126 -8.05 8.77 6.90
N GLY A 127 -8.69 7.80 6.25
CA GLY A 127 -9.79 7.14 6.93
C GLY A 127 -10.47 6.10 6.07
N MET A 128 -11.52 5.51 6.66
CA MET A 128 -12.28 4.45 6.03
C MET A 128 -13.77 4.68 6.23
N ALA A 129 -14.55 4.46 5.18
CA ALA A 129 -16.01 4.47 5.27
C ALA A 129 -16.54 3.06 5.04
N LEU A 130 -17.25 2.52 6.04
CA LEU A 130 -17.91 1.22 5.91
C LEU A 130 -19.33 1.53 5.48
N VAL A 131 -19.65 1.26 4.21
CA VAL A 131 -20.90 1.70 3.62
C VAL A 131 -21.54 0.52 2.89
N ARG A 132 -22.87 0.58 2.80
CA ARG A 132 -23.76 -0.24 1.96
C ARG A 132 -24.82 0.74 1.47
N PRO A 133 -25.22 0.68 0.20
CA PRO A 133 -24.76 -0.27 -0.82
C PRO A 133 -23.42 0.14 -1.40
N PRO A 134 -22.69 -0.81 -2.04
CA PRO A 134 -21.43 -0.47 -2.69
C PRO A 134 -21.67 0.43 -3.90
N GLY A 135 -20.61 0.89 -4.55
CA GLY A 135 -20.84 1.90 -5.56
C GLY A 135 -20.23 1.68 -6.94
N HIS A 136 -19.15 0.88 -7.05
CA HIS A 136 -18.28 1.07 -8.22
C HIS A 136 -18.87 0.54 -9.54
N HIS A 137 -19.91 -0.28 -9.49
CA HIS A 137 -20.61 -0.71 -10.71
C HIS A 137 -21.68 0.26 -11.20
N SER A 138 -22.20 1.15 -10.34
CA SER A 138 -23.30 2.00 -10.80
C SER A 138 -22.81 3.02 -11.82
N GLN A 139 -23.72 3.43 -12.69
CA GLN A 139 -23.40 4.25 -13.84
C GLN A 139 -24.31 5.47 -13.87
N ARG A 140 -24.06 6.37 -14.82
N ARG A 140 -24.03 6.38 -14.81
CA ARG A 140 -24.77 7.64 -14.87
CA ARG A 140 -24.78 7.64 -14.92
C ARG A 140 -26.29 7.44 -14.79
C ARG A 140 -26.28 7.42 -14.77
N SER A 141 -26.82 6.42 -15.49
CA SER A 141 -28.26 6.18 -15.47
C SER A 141 -28.60 4.72 -15.24
N ALA A 142 -27.80 3.99 -14.44
CA ALA A 142 -28.19 2.62 -14.14
C ALA A 142 -27.65 2.16 -12.79
N ALA A 143 -28.48 1.43 -12.05
CA ALA A 143 -27.99 0.60 -10.97
C ALA A 143 -27.39 -0.67 -11.54
N ASN A 144 -26.39 -1.21 -10.86
CA ASN A 144 -25.72 -2.38 -11.40
C ASN A 144 -24.93 -3.06 -10.28
N GLY A 145 -24.97 -4.39 -10.25
CA GLY A 145 -24.09 -5.15 -9.38
C GLY A 145 -24.15 -4.73 -7.91
N PHE A 146 -25.35 -4.71 -7.33
CA PHE A 146 -25.63 -4.27 -5.95
C PHE A 146 -25.42 -2.77 -5.73
N CYS A 147 -24.93 -2.02 -6.72
CA CYS A 147 -24.66 -0.59 -6.55
C CYS A 147 -25.78 0.28 -7.10
N VAL A 148 -26.13 1.32 -6.33
CA VAL A 148 -27.13 2.31 -6.72
C VAL A 148 -26.51 3.61 -7.17
N PHE A 149 -25.64 4.21 -6.36
CA PHE A 149 -24.92 5.41 -6.73
C PHE A 149 -23.43 5.13 -6.59
N ASN A 150 -22.61 5.83 -7.38
CA ASN A 150 -21.17 5.50 -7.44
C ASN A 150 -20.42 6.30 -6.40
N ASN A 151 -20.33 5.72 -5.20
CA ASN A 151 -19.73 6.39 -4.06
C ASN A 151 -18.34 6.93 -4.37
N VAL A 152 -17.48 6.08 -4.93
CA VAL A 152 -16.11 6.50 -5.17
C VAL A 152 -16.03 7.52 -6.30
N ALA A 153 -16.86 7.36 -7.34
CA ALA A 153 -16.84 8.36 -8.41
C ALA A 153 -17.32 9.72 -7.89
N PHE A 154 -18.38 9.72 -7.07
CA PHE A 154 -18.77 10.91 -6.32
C PHE A 154 -17.58 11.56 -5.65
N ALA A 155 -16.87 10.77 -4.84
CA ALA A 155 -15.76 11.30 -4.05
C ALA A 155 -14.74 12.02 -4.91
N ALA A 156 -14.43 11.48 -6.10
CA ALA A 156 -13.41 12.15 -6.92
C ALA A 156 -13.97 13.40 -7.60
N LEU A 157 -15.21 13.34 -8.09
CA LEU A 157 -15.82 14.53 -8.68
C LEU A 157 -15.98 15.64 -7.64
N TYR A 158 -16.40 15.27 -6.43
CA TYR A 158 -16.55 16.22 -5.31
C TYR A 158 -15.22 16.82 -4.89
N ALA A 159 -14.17 16.00 -4.77
CA ALA A 159 -12.84 16.52 -4.44
C ALA A 159 -12.34 17.46 -5.53
N LYS A 160 -12.57 17.11 -6.80
CA LYS A 160 -12.20 18.01 -7.91
C LYS A 160 -12.90 19.35 -7.77
N LYS A 161 -14.22 19.31 -7.60
CA LYS A 161 -15.01 20.54 -7.63
C LYS A 161 -14.69 21.42 -6.44
N ASN A 162 -14.65 20.84 -5.24
CA ASN A 162 -14.58 21.64 -4.03
C ASN A 162 -13.17 21.93 -3.55
N TYR A 163 -12.17 21.19 -4.02
CA TYR A 163 -10.79 21.44 -3.62
C TYR A 163 -9.89 21.72 -4.81
N ASN A 164 -10.46 21.81 -6.01
CA ASN A 164 -9.72 22.16 -7.22
C ASN A 164 -8.52 21.25 -7.43
N LEU A 165 -8.70 19.97 -7.10
CA LEU A 165 -7.62 19.00 -7.30
C LEU A 165 -7.41 18.74 -8.79
N ASN A 166 -6.16 18.58 -9.17
CA ASN A 166 -5.81 18.27 -10.55
C ASN A 166 -5.50 16.80 -10.78
N ARG A 167 -5.08 16.07 -9.75
CA ARG A 167 -4.68 14.67 -9.92
C ARG A 167 -5.23 13.85 -8.76
N ILE A 168 -6.08 12.88 -9.09
CA ILE A 168 -6.68 11.97 -8.13
C ILE A 168 -6.42 10.54 -8.60
N LEU A 169 -5.90 9.69 -7.71
CA LEU A 169 -5.72 8.27 -7.98
C LEU A 169 -6.85 7.47 -7.33
N ILE A 170 -7.51 6.62 -8.12
CA ILE A 170 -8.49 5.67 -7.61
C ILE A 170 -7.93 4.26 -7.77
N VAL A 171 -7.77 3.56 -6.66
CA VAL A 171 -7.27 2.17 -6.65
C VAL A 171 -8.45 1.27 -6.29
N ASP A 172 -8.82 0.38 -7.23
CA ASP A 172 -9.99 -0.50 -7.08
C ASP A 172 -9.47 -1.92 -6.93
N TRP A 173 -9.40 -2.40 -5.69
CA TRP A 173 -8.85 -3.72 -5.45
C TRP A 173 -9.94 -4.72 -5.13
N ASP A 174 -11.21 -4.31 -5.27
CA ASP A 174 -12.33 -5.23 -5.31
C ASP A 174 -12.02 -6.27 -6.38
N VAL A 175 -12.63 -7.45 -6.29
CA VAL A 175 -12.31 -8.50 -7.26
C VAL A 175 -13.11 -8.35 -8.54
N HIS A 176 -14.10 -7.46 -8.57
CA HIS A 176 -14.88 -7.17 -9.76
C HIS A 176 -14.39 -5.88 -10.40
N HIS A 177 -14.57 -5.78 -11.72
CA HIS A 177 -14.22 -4.56 -12.44
C HIS A 177 -15.22 -3.44 -12.13
N GLY A 178 -14.71 -2.27 -11.75
CA GLY A 178 -15.61 -1.16 -11.50
C GLY A 178 -15.91 -0.36 -12.76
N GLN A 179 -16.72 -0.95 -13.65
CA GLN A 179 -16.93 -0.33 -14.97
C GLN A 179 -17.57 1.04 -14.82
N GLY A 180 -18.39 1.24 -13.79
CA GLY A 180 -19.00 2.55 -13.59
C GLY A 180 -17.97 3.63 -13.34
N ILE A 181 -16.90 3.31 -12.62
CA ILE A 181 -15.84 4.29 -12.42
C ILE A 181 -15.07 4.50 -13.71
N GLN A 182 -14.74 3.41 -14.41
CA GLN A 182 -14.03 3.53 -15.68
C GLN A 182 -14.78 4.46 -16.63
N TYR A 183 -16.07 4.21 -16.84
CA TYR A 183 -16.85 5.03 -17.76
C TYR A 183 -16.87 6.48 -17.31
N CYS A 184 -16.93 6.70 -15.99
CA CYS A 184 -17.06 8.07 -15.50
C CYS A 184 -15.84 8.89 -15.89
N PHE A 185 -14.65 8.30 -15.76
CA PHE A 185 -13.43 9.07 -15.95
C PHE A 185 -12.65 8.70 -17.21
N GLU A 186 -13.26 7.99 -18.16
CA GLU A 186 -12.43 7.42 -19.24
C GLU A 186 -11.79 8.49 -20.11
N GLU A 187 -12.39 9.68 -20.21
CA GLU A 187 -11.80 10.77 -20.98
C GLU A 187 -11.07 11.77 -20.12
N ASP A 188 -10.91 11.48 -18.83
CA ASP A 188 -10.46 12.48 -17.88
C ASP A 188 -9.04 12.16 -17.42
N PRO A 189 -8.03 12.95 -17.81
CA PRO A 189 -6.67 12.71 -17.34
C PRO A 189 -6.43 13.13 -15.90
N SER A 190 -7.36 13.85 -15.27
CA SER A 190 -7.15 14.26 -13.89
C SER A 190 -7.44 13.15 -12.90
N VAL A 191 -8.10 12.07 -13.32
CA VAL A 191 -8.41 10.95 -12.43
C VAL A 191 -7.77 9.69 -13.02
N LEU A 192 -6.82 9.10 -12.32
CA LEU A 192 -6.22 7.85 -12.77
C LEU A 192 -6.91 6.67 -12.08
N TYR A 193 -7.55 5.81 -12.87
CA TYR A 193 -8.24 4.62 -12.36
C TYR A 193 -7.41 3.37 -12.62
N PHE A 194 -7.16 2.60 -11.56
CA PHE A 194 -6.54 1.28 -11.66
C PHE A 194 -7.51 0.24 -11.10
N SER A 195 -7.70 -0.87 -11.82
CA SER A 195 -8.55 -1.96 -11.35
C SER A 195 -7.90 -3.29 -11.69
N TRP A 196 -7.76 -4.16 -10.70
CA TRP A 196 -7.59 -5.57 -11.04
C TRP A 196 -8.92 -6.27 -10.83
N HIS A 197 -9.11 -7.39 -11.52
CA HIS A 197 -10.43 -8.00 -11.42
C HIS A 197 -10.41 -9.38 -12.03
N ARG A 198 -11.17 -10.29 -11.43
CA ARG A 198 -11.44 -11.57 -12.05
C ARG A 198 -12.13 -11.35 -13.38
N TYR A 199 -11.56 -11.93 -14.45
CA TYR A 199 -11.97 -11.71 -15.83
C TYR A 199 -12.17 -13.02 -16.56
N GLU A 200 -11.20 -13.93 -16.44
CA GLU A 200 -11.24 -15.25 -17.06
C GLU A 200 -11.64 -15.12 -18.54
N HIS A 201 -10.91 -14.26 -19.24
CA HIS A 201 -11.03 -14.10 -20.69
C HIS A 201 -12.44 -13.66 -21.07
N GLN A 202 -12.99 -12.75 -20.27
CA GLN A 202 -14.32 -12.17 -20.40
C GLN A 202 -15.42 -13.12 -19.98
N SER A 203 -15.11 -14.33 -19.51
CA SER A 203 -16.22 -15.16 -19.08
C SER A 203 -16.74 -14.82 -17.68
N PHE A 204 -16.08 -13.94 -16.93
CA PHE A 204 -16.59 -13.62 -15.59
C PHE A 204 -17.33 -12.29 -15.60
N TRP A 205 -18.48 -12.26 -14.93
CA TRP A 205 -19.27 -11.05 -14.79
C TRP A 205 -18.37 -9.87 -14.40
N PRO A 206 -18.60 -8.68 -14.97
CA PRO A 206 -19.68 -8.30 -15.88
C PRO A 206 -19.47 -8.60 -17.38
N ASN A 207 -18.51 -9.45 -17.74
CA ASN A 207 -18.43 -9.98 -19.12
C ASN A 207 -18.21 -8.89 -20.17
N LEU A 208 -17.39 -7.90 -19.87
CA LEU A 208 -17.26 -6.75 -20.76
C LEU A 208 -15.96 -6.81 -21.53
N PRO A 209 -15.97 -6.63 -22.86
CA PRO A 209 -14.68 -6.49 -23.56
C PRO A 209 -13.84 -5.34 -23.04
N GLU A 210 -14.45 -4.23 -22.59
CA GLU A 210 -13.66 -3.08 -22.15
C GLU A 210 -13.11 -3.21 -20.72
N SER A 211 -13.33 -4.34 -20.03
CA SER A 211 -12.57 -4.61 -18.81
C SER A 211 -11.17 -5.16 -19.08
N ASP A 212 -10.77 -5.32 -20.34
CA ASP A 212 -9.49 -5.95 -20.65
C ASP A 212 -8.36 -4.93 -20.56
N TYR A 213 -7.12 -5.43 -20.61
CA TYR A 213 -5.97 -4.54 -20.46
C TYR A 213 -5.89 -3.52 -21.58
N SER A 214 -6.59 -3.76 -22.70
CA SER A 214 -6.44 -2.85 -23.84
C SER A 214 -7.22 -1.54 -23.68
N SER A 215 -8.14 -1.46 -22.70
CA SER A 215 -8.83 -0.20 -22.41
C SER A 215 -7.93 0.68 -21.56
N VAL A 216 -7.32 1.68 -22.20
CA VAL A 216 -6.37 2.58 -21.56
C VAL A 216 -6.96 3.95 -21.28
N GLY A 217 -8.24 4.16 -21.53
CA GLY A 217 -8.84 5.47 -21.53
C GLY A 217 -9.09 5.93 -22.97
N LYS A 218 -9.70 7.11 -23.08
CA LYS A 218 -10.09 7.68 -24.36
C LYS A 218 -9.65 9.12 -24.47
N GLY A 219 -9.19 9.51 -25.68
CA GLY A 219 -8.93 10.92 -25.95
C GLY A 219 -7.85 11.48 -25.06
N LYS A 220 -8.13 12.62 -24.42
CA LYS A 220 -7.18 13.17 -23.47
C LYS A 220 -6.98 12.27 -22.26
N GLY A 221 -7.88 11.31 -22.04
CA GLY A 221 -7.70 10.39 -20.94
C GLY A 221 -6.86 9.16 -21.23
N SER A 222 -6.33 9.01 -22.45
CA SER A 222 -5.56 7.82 -22.80
C SER A 222 -4.39 7.64 -21.85
N GLY A 223 -4.24 6.44 -21.30
CA GLY A 223 -3.19 6.18 -20.34
C GLY A 223 -3.62 6.32 -18.88
N PHE A 224 -4.79 6.89 -18.61
CA PHE A 224 -5.23 7.12 -17.22
C PHE A 224 -6.31 6.13 -16.81
N ASN A 225 -6.45 5.06 -17.56
CA ASN A 225 -7.28 3.94 -17.17
C ASN A 225 -6.43 2.68 -17.32
N ILE A 226 -6.30 1.93 -16.22
CA ILE A 226 -5.41 0.75 -16.19
C ILE A 226 -6.19 -0.44 -15.70
N ASN A 227 -6.44 -1.40 -16.58
CA ASN A 227 -7.15 -2.63 -16.23
C ASN A 227 -6.15 -3.77 -16.17
N LEU A 228 -6.18 -4.52 -15.07
CA LEU A 228 -5.37 -5.74 -14.94
C LEU A 228 -6.30 -6.94 -14.76
N PRO A 229 -6.61 -7.66 -15.84
CA PRO A 229 -7.53 -8.80 -15.74
C PRO A 229 -6.83 -9.99 -15.12
N TRP A 230 -7.50 -10.66 -14.19
CA TRP A 230 -7.03 -11.96 -13.72
C TRP A 230 -7.74 -13.03 -14.53
N ASN A 231 -6.99 -13.80 -15.30
CA ASN A 231 -7.62 -14.76 -16.20
C ASN A 231 -7.66 -16.16 -15.64
N LYS A 232 -7.23 -16.34 -14.39
CA LYS A 232 -7.45 -17.55 -13.61
C LYS A 232 -7.83 -17.15 -12.19
N VAL A 233 -8.58 -18.01 -11.51
CA VAL A 233 -8.85 -17.80 -10.09
C VAL A 233 -7.64 -18.31 -9.31
N GLY A 234 -7.68 -18.18 -7.98
CA GLY A 234 -6.59 -18.63 -7.13
C GLY A 234 -5.40 -17.69 -7.04
N MET A 235 -5.55 -16.42 -7.38
CA MET A 235 -4.40 -15.51 -7.30
C MET A 235 -3.95 -15.34 -5.84
N THR A 236 -2.64 -15.18 -5.65
CA THR A 236 -2.03 -15.24 -4.32
C THR A 236 -1.43 -13.89 -3.93
N ASN A 237 -0.92 -13.81 -2.70
CA ASN A 237 -0.19 -12.61 -2.27
C ASN A 237 0.83 -12.19 -3.30
N SER A 238 1.58 -13.17 -3.85
CA SER A 238 2.64 -12.83 -4.81
C SER A 238 2.08 -12.17 -6.07
N ASP A 239 1.00 -12.72 -6.64
CA ASP A 239 0.35 -12.08 -7.77
C ASP A 239 -0.04 -10.63 -7.44
N TYR A 240 -0.72 -10.43 -6.31
CA TYR A 240 -1.15 -9.08 -5.93
C TYR A 240 0.03 -8.15 -5.78
N LEU A 241 1.10 -8.60 -5.11
CA LEU A 241 2.25 -7.71 -4.93
C LEU A 241 2.99 -7.51 -6.25
N ALA A 242 3.04 -8.52 -7.12
CA ALA A 242 3.60 -8.30 -8.46
C ALA A 242 2.83 -7.22 -9.21
N ALA A 243 1.50 -7.24 -9.12
CA ALA A 243 0.68 -6.18 -9.72
C ALA A 243 1.07 -4.80 -9.18
N PHE A 244 1.26 -4.67 -7.86
CA PHE A 244 1.60 -3.38 -7.29
C PHE A 244 3.02 -2.93 -7.68
N PHE A 245 4.01 -3.81 -7.56
CA PHE A 245 5.39 -3.40 -7.82
C PHE A 245 5.62 -3.09 -9.29
N HIS A 246 4.97 -3.84 -10.19
CA HIS A 246 5.31 -3.77 -11.60
C HIS A 246 4.27 -3.07 -12.46
N VAL A 247 3.12 -2.70 -11.89
CA VAL A 247 2.13 -1.94 -12.65
C VAL A 247 1.66 -0.71 -11.87
N LEU A 248 1.01 -0.92 -10.72
CA LEU A 248 0.29 0.20 -10.07
C LEU A 248 1.24 1.23 -9.48
N LEU A 249 2.18 0.81 -8.63
CA LEU A 249 3.05 1.77 -7.97
C LEU A 249 3.94 2.58 -8.91
N PRO A 250 4.60 2.01 -9.93
CA PRO A 250 5.38 2.84 -10.85
C PRO A 250 4.55 3.96 -11.46
N VAL A 251 3.32 3.65 -11.85
CA VAL A 251 2.45 4.65 -12.45
C VAL A 251 1.98 5.64 -11.38
N ALA A 252 1.59 5.13 -10.21
CA ALA A 252 1.07 6.00 -9.15
C ALA A 252 2.10 7.01 -8.69
N TYR A 253 3.37 6.60 -8.53
CA TYR A 253 4.36 7.55 -8.05
C TYR A 253 4.75 8.56 -9.12
N GLU A 254 4.65 8.20 -10.40
CA GLU A 254 4.90 9.19 -11.44
C GLU A 254 3.73 10.16 -11.58
N PHE A 255 2.50 9.63 -11.55
CA PHE A 255 1.31 10.47 -11.53
C PHE A 255 1.34 11.48 -10.39
N ASP A 256 1.81 11.06 -9.21
CA ASP A 256 1.89 11.94 -8.03
C ASP A 256 0.51 12.51 -7.69
N PRO A 257 -0.44 11.67 -7.27
CA PRO A 257 -1.79 12.18 -6.98
C PRO A 257 -1.78 13.16 -5.83
N GLU A 258 -2.82 14.00 -5.77
CA GLU A 258 -3.05 14.88 -4.64
C GLU A 258 -4.02 14.29 -3.63
N LEU A 259 -4.72 13.23 -4.02
CA LEU A 259 -5.59 12.48 -3.14
C LEU A 259 -5.64 11.05 -3.69
N VAL A 260 -5.73 10.08 -2.78
CA VAL A 260 -5.91 8.69 -3.16
C VAL A 260 -7.24 8.21 -2.61
N ILE A 261 -8.05 7.58 -3.46
CA ILE A 261 -9.31 6.96 -3.04
C ILE A 261 -9.21 5.48 -3.37
N VAL A 262 -9.56 4.63 -2.41
CA VAL A 262 -9.52 3.18 -2.59
C VAL A 262 -10.95 2.68 -2.65
N SER A 263 -11.30 2.06 -3.78
CA SER A 263 -12.48 1.20 -3.86
C SER A 263 -12.04 -0.13 -3.27
N ALA A 264 -12.34 -0.32 -1.99
CA ALA A 264 -11.78 -1.41 -1.20
C ALA A 264 -12.84 -2.51 -1.10
N GLY A 265 -12.88 -3.37 -2.11
CA GLY A 265 -13.66 -4.58 -2.02
C GLY A 265 -12.75 -5.70 -1.52
N PHE A 266 -13.21 -6.42 -0.51
CA PHE A 266 -12.42 -7.51 0.05
C PHE A 266 -12.91 -8.85 -0.48
N ASP A 267 -13.74 -8.83 -1.51
CA ASP A 267 -14.01 -10.09 -2.19
C ASP A 267 -12.81 -10.58 -3.00
N SER A 268 -11.70 -9.87 -2.95
CA SER A 268 -10.43 -10.34 -3.50
C SER A 268 -9.65 -11.17 -2.50
N ALA A 269 -10.23 -11.44 -1.32
CA ALA A 269 -9.55 -12.17 -0.26
C ALA A 269 -9.89 -13.64 -0.34
N ILE A 270 -9.00 -14.45 0.25
CA ILE A 270 -9.22 -15.89 0.36
C ILE A 270 -10.58 -16.16 0.98
N GLY A 271 -11.25 -17.20 0.48
CA GLY A 271 -12.53 -17.62 1.00
C GLY A 271 -13.73 -16.94 0.40
N ASP A 272 -13.55 -15.90 -0.39
CA ASP A 272 -14.72 -15.20 -0.91
C ASP A 272 -15.38 -16.03 -1.99
N PRO A 273 -16.71 -16.22 -1.94
CA PRO A 273 -17.38 -17.06 -2.94
C PRO A 273 -17.46 -16.40 -4.30
N GLU A 274 -17.28 -15.08 -4.39
CA GLU A 274 -17.27 -14.45 -5.71
C GLU A 274 -15.88 -14.44 -6.34
N GLY A 275 -14.86 -14.08 -5.57
CA GLY A 275 -13.54 -13.92 -6.15
C GLY A 275 -12.80 -15.22 -6.35
N GLU A 276 -12.92 -16.13 -5.38
CA GLU A 276 -12.21 -17.40 -5.39
C GLU A 276 -10.70 -17.20 -5.51
N MET A 277 -10.22 -16.06 -5.01
CA MET A 277 -8.79 -15.84 -4.93
C MET A 277 -8.26 -16.42 -3.62
N CYS A 278 -6.93 -16.34 -3.46
CA CYS A 278 -6.19 -16.99 -2.39
C CYS A 278 -5.32 -16.02 -1.59
N ALA A 279 -5.46 -14.72 -1.80
CA ALA A 279 -4.63 -13.79 -1.04
C ALA A 279 -5.13 -13.70 0.41
N LEU A 280 -4.18 -13.57 1.35
CA LEU A 280 -4.54 -13.58 2.76
C LEU A 280 -4.97 -12.19 3.21
N PRO A 281 -5.78 -12.10 4.26
CA PRO A 281 -6.19 -10.77 4.76
C PRO A 281 -5.02 -9.85 5.04
N GLU A 282 -3.87 -10.42 5.43
CA GLU A 282 -2.71 -9.59 5.73
C GLU A 282 -2.20 -8.82 4.52
N ILE A 283 -2.50 -9.27 3.30
CA ILE A 283 -2.02 -8.55 2.12
C ILE A 283 -2.60 -7.14 2.08
N PHE A 284 -3.81 -6.95 2.61
CA PHE A 284 -4.41 -5.62 2.56
C PHE A 284 -3.70 -4.64 3.48
N ALA A 285 -2.98 -5.14 4.49
CA ALA A 285 -2.12 -4.26 5.27
C ALA A 285 -1.02 -3.66 4.41
N HIS A 286 -0.50 -4.43 3.45
CA HIS A 286 0.59 -3.96 2.61
C HIS A 286 0.09 -3.16 1.41
N LEU A 287 -1.01 -3.59 0.79
CA LEU A 287 -1.63 -2.74 -0.25
C LEU A 287 -1.90 -1.34 0.30
N THR A 288 -2.43 -1.25 1.53
CA THR A 288 -2.64 0.06 2.14
C THR A 288 -1.31 0.76 2.38
N HIS A 289 -0.35 0.07 2.99
CA HIS A 289 0.91 0.71 3.37
C HIS A 289 1.70 1.20 2.17
N LEU A 290 1.69 0.44 1.07
CA LEU A 290 2.46 0.81 -0.11
C LEU A 290 1.92 2.06 -0.79
N LEU A 291 0.64 2.37 -0.62
CA LEU A 291 0.05 3.59 -1.14
C LEU A 291 0.13 4.78 -0.17
N MET A 292 0.53 4.56 1.07
CA MET A 292 0.41 5.65 2.04
C MET A 292 1.41 6.79 1.86
N PRO A 293 2.59 6.58 1.26
CA PRO A 293 3.44 7.75 0.96
C PRO A 293 2.90 8.66 -0.14
N LEU A 294 1.86 8.27 -0.87
CA LEU A 294 1.32 9.16 -1.90
C LEU A 294 0.45 10.24 -1.28
N ALA A 295 0.46 11.42 -1.89
CA ALA A 295 -0.44 12.52 -1.53
C ALA A 295 -0.28 12.91 -0.05
N ALA A 296 0.95 12.84 0.44
CA ALA A 296 1.24 13.09 1.86
C ALA A 296 0.33 12.28 2.78
N GLY A 297 -0.06 11.07 2.34
CA GLY A 297 -0.87 10.19 3.15
C GLY A 297 -2.35 10.40 3.09
N LYS A 298 -2.83 11.31 2.25
CA LYS A 298 -4.27 11.56 2.15
C LYS A 298 -4.95 10.42 1.38
N MET A 299 -5.49 9.46 2.14
CA MET A 299 -6.11 8.27 1.55
C MET A 299 -7.50 8.09 2.12
N CYS A 300 -8.46 7.96 1.22
CA CYS A 300 -9.85 7.71 1.55
C CYS A 300 -10.20 6.30 1.12
N VAL A 301 -10.38 5.41 2.10
CA VAL A 301 -10.72 4.01 1.83
C VAL A 301 -12.23 3.85 1.94
N VAL A 302 -12.85 3.29 0.91
CA VAL A 302 -14.31 3.15 0.85
C VAL A 302 -14.66 1.70 0.58
N LEU A 303 -15.50 1.12 1.44
CA LEU A 303 -15.85 -0.29 1.30
C LEU A 303 -16.70 -0.54 0.05
N GLU A 304 -16.31 -1.52 -0.76
CA GLU A 304 -17.13 -2.00 -1.87
C GLU A 304 -17.69 -3.35 -1.48
N GLY A 305 -17.19 -4.46 -2.04
CA GLY A 305 -17.70 -5.78 -1.72
C GLY A 305 -16.86 -6.54 -0.70
N GLY A 306 -17.12 -7.85 -0.64
CA GLY A 306 -16.54 -8.73 0.37
C GLY A 306 -17.65 -9.52 1.05
N TYR A 307 -17.68 -10.84 0.86
CA TYR A 307 -18.86 -11.62 1.19
C TYR A 307 -18.60 -12.81 2.10
N ASN A 308 -17.35 -13.16 2.35
CA ASN A 308 -17.03 -14.16 3.38
C ASN A 308 -16.88 -13.38 4.68
N LEU A 309 -17.86 -13.53 5.56
CA LEU A 309 -17.92 -12.67 6.73
C LEU A 309 -16.61 -12.74 7.52
N THR A 310 -15.92 -13.87 7.48
CA THR A 310 -14.67 -14.01 8.23
C THR A 310 -13.50 -13.28 7.54
N SER A 311 -13.20 -13.61 6.28
CA SER A 311 -12.14 -12.84 5.64
C SER A 311 -12.49 -11.36 5.55
N LEU A 312 -13.78 -11.02 5.59
CA LEU A 312 -14.17 -9.61 5.54
C LEU A 312 -13.70 -8.87 6.79
N GLY A 313 -14.10 -9.35 7.98
CA GLY A 313 -13.65 -8.70 9.20
C GLY A 313 -12.14 -8.61 9.31
N GLN A 314 -11.45 -9.70 8.98
CA GLN A 314 -9.99 -9.69 9.12
C GLN A 314 -9.35 -8.71 8.16
N SER A 315 -9.85 -8.61 6.92
CA SER A 315 -9.24 -7.72 5.93
C SER A 315 -9.54 -6.26 6.25
N VAL A 316 -10.74 -5.98 6.76
CA VAL A 316 -11.05 -4.63 7.24
C VAL A 316 -10.10 -4.22 8.36
N CYS A 317 -9.89 -5.08 9.37
CA CYS A 317 -8.94 -4.71 10.43
C CYS A 317 -7.52 -4.50 9.93
N GLN A 318 -7.05 -5.33 8.98
CA GLN A 318 -5.68 -5.15 8.50
C GLN A 318 -5.51 -3.82 7.81
N THR A 319 -6.54 -3.38 7.09
CA THR A 319 -6.51 -2.07 6.43
C THR A 319 -6.48 -0.94 7.46
N VAL A 320 -7.39 -0.98 8.42
CA VAL A 320 -7.47 0.08 9.42
C VAL A 320 -6.18 0.11 10.27
N HIS A 321 -5.69 -1.08 10.63
CA HIS A 321 -4.38 -1.19 11.28
C HIS A 321 -3.32 -0.37 10.55
N SER A 322 -3.23 -0.53 9.22
CA SER A 322 -2.23 0.23 8.50
C SER A 322 -2.58 1.70 8.41
N LEU A 323 -3.87 2.05 8.28
CA LEU A 323 -4.22 3.47 8.28
C LEU A 323 -3.81 4.11 9.60
N LEU A 324 -3.98 3.39 10.70
CA LEU A 324 -3.55 3.88 12.01
C LEU A 324 -2.05 3.90 12.19
N GLY A 325 -1.28 3.30 11.28
CA GLY A 325 0.16 3.25 11.40
C GLY A 325 0.71 2.08 12.20
N ASP A 326 -0.11 1.09 12.53
CA ASP A 326 0.40 -0.07 13.26
C ASP A 326 1.37 -0.86 12.38
N PRO A 327 2.30 -1.61 13.00
CA PRO A 327 3.30 -2.33 12.20
C PRO A 327 2.66 -3.37 11.30
N THR A 328 3.21 -3.50 10.08
CA THR A 328 2.64 -4.42 9.09
C THR A 328 3.02 -5.87 9.43
N PRO A 329 2.17 -6.84 9.11
CA PRO A 329 2.53 -8.24 9.35
C PRO A 329 3.57 -8.71 8.34
N ARG A 330 4.40 -9.66 8.77
CA ARG A 330 5.35 -10.27 7.84
C ARG A 330 4.60 -11.21 6.90
N ILE A 331 4.90 -11.11 5.60
CA ILE A 331 4.29 -11.97 4.59
C ILE A 331 5.34 -13.01 4.18
N SER A 332 5.10 -14.27 4.52
CA SER A 332 6.02 -15.34 4.19
C SER A 332 5.60 -16.03 2.89
N GLY A 333 6.51 -16.83 2.34
CA GLY A 333 6.18 -17.65 1.18
C GLY A 333 6.02 -16.94 -0.15
N LEU A 334 6.52 -15.71 -0.28
CA LEU A 334 6.37 -14.99 -1.54
C LEU A 334 7.36 -15.51 -2.58
N GLY A 335 6.99 -15.34 -3.85
CA GLY A 335 7.79 -15.83 -4.97
C GLY A 335 7.27 -15.26 -6.28
N THR A 336 7.50 -15.97 -7.38
CA THR A 336 7.01 -15.48 -8.67
C THR A 336 5.49 -15.44 -8.71
N ALA A 337 4.94 -14.45 -9.40
CA ALA A 337 3.55 -14.49 -9.81
C ALA A 337 3.34 -15.69 -10.75
N CYS A 338 2.13 -16.21 -10.79
CA CYS A 338 1.89 -17.34 -11.68
C CYS A 338 1.91 -16.89 -13.15
N ASP A 339 1.98 -17.87 -14.06
CA ASP A 339 2.14 -17.54 -15.48
C ASP A 339 0.98 -16.69 -16.00
N SER A 340 -0.25 -17.00 -15.61
CA SER A 340 -1.38 -16.22 -16.10
C SER A 340 -1.28 -14.76 -15.65
N ALA A 341 -0.89 -14.55 -14.38
CA ALA A 341 -0.72 -13.19 -13.87
C ALA A 341 0.42 -12.48 -14.57
N LEU A 342 1.53 -13.19 -14.81
CA LEU A 342 2.63 -12.57 -15.54
C LEU A 342 2.21 -12.18 -16.94
N GLU A 343 1.40 -13.00 -17.59
CA GLU A 343 0.88 -12.65 -18.91
C GLU A 343 0.04 -11.37 -18.83
N SER A 344 -0.87 -11.30 -17.85
CA SER A 344 -1.68 -10.09 -17.69
C SER A 344 -0.81 -8.88 -17.42
N ILE A 345 0.20 -9.04 -16.55
CA ILE A 345 1.08 -7.92 -16.17
C ILE A 345 1.88 -7.45 -17.38
N GLN A 346 2.49 -8.40 -18.11
CA GLN A 346 3.27 -8.04 -19.29
CA GLN A 346 3.28 -8.00 -19.27
C GLN A 346 2.40 -7.39 -20.35
N ASN A 347 1.15 -7.83 -20.48
CA ASN A 347 0.27 -7.26 -21.50
C ASN A 347 -0.15 -5.84 -21.15
N VAL A 348 -0.53 -5.60 -19.90
CA VAL A 348 -0.91 -4.23 -19.54
C VAL A 348 0.31 -3.31 -19.61
N ARG A 349 1.48 -3.79 -19.20
CA ARG A 349 2.66 -2.93 -19.23
C ARG A 349 3.00 -2.55 -20.67
N ASN A 350 2.77 -3.46 -21.62
CA ASN A 350 3.13 -3.18 -22.99
C ASN A 350 2.16 -2.18 -23.62
N VAL A 351 0.86 -2.35 -23.40
CA VAL A 351 -0.10 -1.42 -24.00
CA VAL A 351 -0.13 -1.44 -23.96
C VAL A 351 0.00 -0.05 -23.33
N GLN A 352 0.46 0.01 -22.08
CA GLN A 352 0.59 1.28 -21.39
C GLN A 352 1.93 1.95 -21.61
N SER A 353 2.89 1.28 -22.29
CA SER A 353 4.22 1.83 -22.45
C SER A 353 4.24 3.11 -23.28
N SER A 354 3.20 3.36 -24.06
CA SER A 354 3.12 4.60 -24.80
CA SER A 354 3.11 4.60 -24.81
C SER A 354 2.80 5.79 -23.91
N TYR A 355 2.30 5.55 -22.70
CA TYR A 355 1.89 6.62 -21.79
C TYR A 355 2.75 6.72 -20.55
N TRP A 356 3.38 5.63 -20.14
CA TRP A 356 4.24 5.62 -18.96
C TRP A 356 5.56 4.99 -19.41
N SER A 357 6.49 5.84 -19.84
CA SER A 357 7.67 5.36 -20.57
C SER A 357 8.41 4.28 -19.79
N SER A 358 8.48 4.42 -18.47
CA SER A 358 8.98 3.42 -17.53
C SER A 358 8.61 1.97 -17.89
N PHE A 359 7.59 1.80 -18.73
CA PHE A 359 7.11 0.49 -19.15
C PHE A 359 7.72 0.00 -20.48
N LYS A 360 8.38 0.89 -21.24
CA LYS A 360 9.07 0.54 -22.48
C LYS A 360 10.01 -0.66 -22.31
N HIS A 361 9.88 -1.64 -23.20
CA HIS A 361 10.85 -2.74 -23.27
C HIS A 361 11.59 -2.73 -24.60
N LEU A 362 12.82 -3.22 -24.59
CA LEU A 362 13.66 -3.18 -25.78
C LEU A 362 13.48 -4.47 -26.59
N ALA A 363 13.43 -4.31 -27.91
CA ALA A 363 12.98 -5.36 -28.81
C ALA A 363 13.85 -6.62 -28.70
N GLN A 364 13.30 -7.73 -29.19
CA GLN A 364 14.02 -9.01 -29.21
C GLN A 364 14.04 -9.61 -30.62
N ASP A 399 -16.22 -23.83 3.09
CA ASP A 399 -15.37 -24.67 3.93
C ASP A 399 -13.88 -24.30 3.77
N ILE A 400 -13.60 -23.09 3.27
CA ILE A 400 -12.23 -22.61 3.12
C ILE A 400 -11.70 -22.13 4.46
N VAL A 401 -10.44 -22.44 4.76
CA VAL A 401 -9.83 -22.15 6.06
C VAL A 401 -8.43 -21.61 5.83
N TRP A 402 -8.02 -20.65 6.66
CA TRP A 402 -6.67 -20.12 6.65
C TRP A 402 -6.29 -19.77 8.08
N PRO A 403 -4.99 -19.73 8.39
CA PRO A 403 -4.57 -19.38 9.76
C PRO A 403 -5.01 -17.97 10.15
N GLU A 404 -5.45 -17.83 11.39
CA GLU A 404 -5.93 -16.54 11.86
C GLU A 404 -4.79 -15.52 11.87
N PRO A 405 -5.03 -14.29 11.42
CA PRO A 405 -3.97 -13.28 11.44
C PRO A 405 -3.47 -13.00 12.85
N LEU A 406 -2.14 -12.89 12.98
CA LEU A 406 -1.52 -12.57 14.26
C LEU A 406 -1.95 -11.17 14.72
N LYS A 407 -1.56 -10.83 15.95
CA LYS A 407 -1.91 -9.54 16.51
C LYS A 407 -0.94 -8.46 16.03
N ARG A 408 -1.48 -7.29 15.70
CA ARG A 408 -0.68 -6.13 15.32
C ARG A 408 -0.84 -5.07 16.39
N MET A 409 0.28 -4.66 16.99
CA MET A 409 0.26 -3.77 18.15
C MET A 409 1.29 -2.67 17.93
N PRO A 410 0.89 -1.39 17.98
CA PRO A 410 1.89 -0.31 17.92
C PRO A 410 2.83 -0.39 19.12
N ALA A 411 4.09 -0.04 18.88
CA ALA A 411 5.10 -0.06 19.92
C ALA A 411 4.79 0.97 21.00
N SER A 412 5.27 0.70 22.23
CA SER A 412 5.10 1.63 23.34
C SER A 412 5.58 3.02 22.94
N VAL A 413 6.85 3.12 22.54
CA VAL A 413 7.37 4.26 21.79
C VAL A 413 7.84 3.71 20.44
N ARG A 414 7.45 4.38 19.36
CA ARG A 414 7.68 3.85 18.02
C ARG A 414 9.16 3.90 17.65
N THR A 415 9.78 5.06 17.84
CA THR A 415 11.12 5.33 17.31
C THR A 415 12.02 5.85 18.41
N VAL A 416 13.21 5.25 18.53
CA VAL A 416 14.26 5.71 19.43
C VAL A 416 15.32 6.40 18.59
N VAL A 417 15.82 7.54 19.07
CA VAL A 417 16.80 8.33 18.33
CA VAL A 417 16.78 8.35 18.33
C VAL A 417 17.98 8.59 19.24
N VAL A 418 19.19 8.40 18.70
CA VAL A 418 20.41 8.61 19.47
C VAL A 418 21.28 9.62 18.71
N PRO A 419 21.06 10.93 18.91
CA PRO A 419 21.87 11.93 18.21
C PRO A 419 23.27 11.98 18.80
N PRO A 420 24.20 12.71 18.17
CA PRO A 420 25.55 12.84 18.75
C PRO A 420 25.48 13.39 20.17
N PRO A 421 26.50 13.13 20.98
CA PRO A 421 26.44 13.56 22.40
C PRO A 421 26.30 15.06 22.50
N GLY A 422 25.34 15.50 23.31
CA GLY A 422 25.10 16.93 23.50
C GLY A 422 24.39 17.61 22.36
N VAL A 423 23.43 16.94 21.73
CA VAL A 423 22.61 17.52 20.68
C VAL A 423 21.16 17.22 21.05
N GLU A 424 20.43 18.24 21.51
CA GLU A 424 19.04 18.10 21.90
C GLU A 424 18.16 18.60 20.77
N LEU A 425 17.27 17.73 20.29
CA LEU A 425 16.40 18.04 19.16
C LEU A 425 14.93 17.88 19.57
N THR A 426 14.06 18.51 18.79
CA THR A 426 12.62 18.43 19.01
C THR A 426 12.09 17.19 18.29
N LEU A 427 11.66 16.20 19.07
CA LEU A 427 11.19 14.93 18.51
C LEU A 427 9.67 14.92 18.37
N PRO A 428 9.15 14.24 17.34
CA PRO A 428 7.72 13.92 17.32
C PRO A 428 7.30 13.18 18.57
N LYS A 429 6.01 13.23 18.92
CA LYS A 429 5.57 12.79 20.25
C LYS A 429 5.72 11.29 20.46
N ASN A 430 5.87 10.50 19.38
CA ASN A 430 6.06 9.07 19.49
C ASN A 430 7.52 8.66 19.28
N CYS A 431 8.45 9.59 19.44
CA CYS A 431 9.88 9.30 19.47
C CYS A 431 10.44 9.54 20.87
N GLN A 432 11.71 9.20 21.04
CA GLN A 432 12.34 9.26 22.34
C GLN A 432 13.86 9.17 22.14
N HIS A 433 14.60 9.88 23.00
CA HIS A 433 16.02 9.64 23.12
C HIS A 433 16.26 8.30 23.80
N SER A 434 17.49 7.80 23.70
CA SER A 434 17.92 6.69 24.53
C SER A 434 19.42 6.49 24.44
N GLY A 435 20.17 7.32 25.15
CA GLY A 435 21.60 7.12 25.31
C GLY A 435 21.98 6.34 26.55
N ASP A 436 21.00 5.80 27.28
CA ASP A 436 21.21 5.20 28.60
C ASP A 436 21.67 3.74 28.46
N ILE A 437 22.98 3.56 28.31
CA ILE A 437 23.57 2.23 28.26
C ILE A 437 23.42 1.57 29.63
N SER A 438 22.91 0.35 29.64
CA SER A 438 22.78 -0.38 30.89
C SER A 438 24.09 -1.10 31.23
N GLU A 439 24.12 -1.74 32.41
CA GLU A 439 25.33 -2.46 32.81
C GLU A 439 25.47 -3.77 32.04
N SER A 440 24.35 -4.48 31.85
CA SER A 440 24.35 -5.65 30.97
C SER A 440 24.95 -5.30 29.61
N THR A 441 24.45 -4.23 29.00
CA THR A 441 24.95 -3.79 27.70
C THR A 441 26.43 -3.43 27.78
N ALA A 442 26.83 -2.70 28.83
CA ALA A 442 28.21 -2.25 28.95
C ALA A 442 29.18 -3.41 29.01
N LYS A 443 28.80 -4.49 29.71
CA LYS A 443 29.64 -5.69 29.74
C LYS A 443 29.79 -6.29 28.33
N GLU A 444 28.70 -6.32 27.56
CA GLU A 444 28.77 -6.87 26.21
C GLU A 444 29.68 -6.04 25.31
N VAL A 445 29.67 -4.72 25.49
CA VAL A 445 30.51 -3.88 24.63
C VAL A 445 31.99 -4.15 24.90
N GLN A 446 32.36 -4.34 26.18
CA GLN A 446 33.75 -4.65 26.49
C GLN A 446 34.13 -6.03 25.95
N ARG A 447 33.27 -7.02 26.20
CA ARG A 447 33.38 -8.34 25.59
C ARG A 447 33.73 -8.25 24.11
N ILE A 448 32.91 -7.51 23.36
CA ILE A 448 33.15 -7.34 21.92
C ILE A 448 34.46 -6.59 21.67
N ARG A 449 34.73 -5.55 22.47
CA ARG A 449 35.93 -4.73 22.26
C ARG A 449 37.20 -5.58 22.41
N ASP A 450 37.26 -6.38 23.47
CA ASP A 450 38.47 -7.16 23.75
C ASP A 450 38.62 -8.32 22.78
N LYS A 451 37.55 -8.72 22.09
CA LYS A 451 37.59 -9.84 21.16
C LYS A 451 37.99 -9.41 19.75
N HIS A 452 37.34 -8.38 19.21
CA HIS A 452 37.47 -8.06 17.79
C HIS A 452 38.11 -6.70 17.49
N PHE A 453 38.27 -5.83 18.48
CA PHE A 453 38.95 -4.55 18.25
C PHE A 453 39.81 -4.15 19.45
N LEU A 456 39.31 0.50 19.16
CA LEU A 456 40.23 0.11 20.24
C LEU A 456 39.83 0.74 21.56
N THR A 457 39.70 2.07 21.57
CA THR A 457 39.60 2.81 22.82
C THR A 457 38.77 4.08 22.75
N ASP A 458 38.59 4.70 21.57
CA ASP A 458 37.72 5.86 21.36
C ASP A 458 36.40 5.70 22.11
N GLN A 459 36.30 6.30 23.31
CA GLN A 459 35.13 6.10 24.16
C GLN A 459 33.84 6.63 23.55
N ASN A 460 33.91 7.38 22.44
CA ASN A 460 32.70 7.81 21.75
C ASN A 460 32.11 6.68 20.93
N ILE A 461 32.94 6.03 20.11
CA ILE A 461 32.51 4.84 19.38
C ILE A 461 31.93 3.82 20.34
N LEU A 462 32.65 3.54 21.43
CA LEU A 462 32.21 2.54 22.40
C LEU A 462 30.84 2.87 22.99
N ARG A 463 30.52 4.16 23.13
CA ARG A 463 29.19 4.54 23.58
C ARG A 463 28.14 4.27 22.52
N SER A 464 28.44 4.59 21.25
CA SER A 464 27.48 4.36 20.18
C SER A 464 27.19 2.86 20.03
N LEU A 465 28.22 2.02 20.21
CA LEU A 465 28.02 0.58 20.19
C LEU A 465 27.11 0.14 21.34
N GLY A 466 27.21 0.80 22.49
CA GLY A 466 26.25 0.53 23.54
C GLY A 466 24.85 0.98 23.18
N ASN A 467 24.73 2.04 22.39
CA ASN A 467 23.42 2.51 21.97
C ASN A 467 22.82 1.56 20.93
N ILE A 468 23.62 1.12 19.97
CA ILE A 468 23.16 0.16 18.97
C ILE A 468 22.59 -1.08 19.64
N ILE A 469 23.34 -1.64 20.59
CA ILE A 469 22.91 -2.86 21.25
C ILE A 469 21.63 -2.64 22.05
N SER A 470 21.56 -1.51 22.76
CA SER A 470 20.38 -1.25 23.58
C SER A 470 19.15 -1.03 22.70
N VAL A 471 19.30 -0.25 21.62
CA VAL A 471 18.18 -0.04 20.70
C VAL A 471 17.75 -1.36 20.07
N LEU A 472 18.71 -2.13 19.53
CA LEU A 472 18.37 -3.41 18.93
C LEU A 472 17.64 -4.31 19.91
N ASP A 473 18.12 -4.37 21.17
CA ASP A 473 17.47 -5.20 22.19
C ASP A 473 16.04 -4.76 22.44
N ARG A 474 15.79 -3.45 22.46
CA ARG A 474 14.42 -2.98 22.67
C ARG A 474 13.57 -3.25 21.44
N MET A 475 14.17 -3.16 20.24
CA MET A 475 13.43 -3.41 19.01
C MET A 475 13.02 -4.87 18.89
N MET A 476 13.96 -5.79 19.08
CA MET A 476 13.68 -7.20 18.85
C MET A 476 13.06 -7.86 20.09
N ARG A 477 13.72 -7.74 21.23
CA ARG A 477 13.35 -8.52 22.41
C ARG A 477 12.15 -7.96 23.15
N SER A 478 11.43 -6.99 22.59
CA SER A 478 10.25 -6.44 23.24
C SER A 478 9.32 -5.83 22.21
N ASP A 479 8.05 -5.69 22.58
CA ASP A 479 7.10 -4.86 21.86
C ASP A 479 7.12 -3.41 22.36
N GLU A 480 8.23 -3.00 22.98
CA GLU A 480 8.33 -1.67 23.56
C GLU A 480 8.71 -0.62 22.52
N VAL A 481 9.61 -0.96 21.60
CA VAL A 481 10.12 -0.04 20.59
C VAL A 481 10.02 -0.72 19.23
N CYS A 482 9.62 0.06 18.22
CA CYS A 482 9.51 -0.48 16.87
C CYS A 482 10.82 -0.36 16.10
N ASN A 483 11.37 0.85 16.00
CA ASN A 483 12.56 1.07 15.19
C ASN A 483 13.41 2.16 15.82
N GLY A 484 14.52 2.50 15.16
CA GLY A 484 15.41 3.47 15.76
C GLY A 484 16.38 4.05 14.74
N CYS A 485 17.03 5.13 15.17
CA CYS A 485 18.08 5.76 14.37
C CYS A 485 19.24 6.16 15.29
N VAL A 486 20.44 5.73 14.93
CA VAL A 486 21.65 6.03 15.69
C VAL A 486 22.61 6.79 14.79
N VAL A 487 23.08 7.94 15.24
CA VAL A 487 24.15 8.65 14.56
C VAL A 487 25.48 8.04 15.00
N VAL A 488 26.39 7.87 14.04
CA VAL A 488 27.55 7.01 14.19
C VAL A 488 28.76 7.68 13.56
N SER A 489 29.94 7.40 14.12
CA SER A 489 31.19 7.96 13.63
C SER A 489 31.99 6.96 12.80
N ASP A 490 32.29 5.79 13.37
CA ASP A 490 33.07 4.76 12.67
C ASP A 490 32.09 3.73 12.11
N LEU A 491 32.00 3.68 10.79
CA LEU A 491 31.00 2.83 10.16
C LEU A 491 31.32 1.36 10.34
N SER A 492 32.54 0.93 9.99
CA SER A 492 32.86 -0.49 9.92
C SER A 492 32.61 -1.18 11.27
N VAL A 493 33.08 -0.58 12.36
CA VAL A 493 32.85 -1.16 13.67
C VAL A 493 31.37 -1.14 14.02
N SER A 494 30.66 -0.08 13.62
CA SER A 494 29.25 0.03 13.99
C SER A 494 28.39 -0.96 13.20
N VAL A 495 28.67 -1.13 11.91
CA VAL A 495 27.91 -2.08 11.10
C VAL A 495 28.06 -3.49 11.64
N GLN A 496 29.31 -3.90 11.87
CA GLN A 496 29.61 -5.25 12.37
C GLN A 496 28.81 -5.55 13.64
N CYS A 497 28.89 -4.67 14.64
CA CYS A 497 28.20 -4.96 15.89
C CYS A 497 26.68 -4.92 15.72
N ALA A 498 26.17 -4.01 14.90
CA ALA A 498 24.74 -4.03 14.63
C ALA A 498 24.35 -5.35 13.97
N LEU A 499 25.01 -5.69 12.86
CA LEU A 499 24.66 -6.89 12.13
C LEU A 499 24.86 -8.14 12.98
N GLN A 500 26.05 -8.29 13.57
CA GLN A 500 26.32 -9.47 14.40
C GLN A 500 25.39 -9.53 15.60
N HIS A 501 25.13 -8.39 16.25
CA HIS A 501 24.23 -8.47 17.40
C HIS A 501 22.81 -8.77 16.97
N ALA A 502 22.42 -8.31 15.78
CA ALA A 502 21.09 -8.58 15.27
C ALA A 502 20.88 -10.07 15.04
N LEU A 503 21.87 -10.74 14.45
CA LEU A 503 21.72 -12.15 14.11
C LEU A 503 21.44 -13.00 15.34
N THR A 504 22.08 -12.68 16.46
CA THR A 504 21.93 -13.46 17.69
C THR A 504 20.79 -12.99 18.58
N GLU A 505 19.98 -12.03 18.11
CA GLU A 505 18.83 -11.58 18.89
C GLU A 505 17.85 -12.70 19.27
N PRO A 506 17.51 -13.67 18.38
CA PRO A 506 17.93 -13.91 17.00
C PRO A 506 17.10 -13.21 15.91
N ALA A 507 17.78 -12.78 14.85
CA ALA A 507 17.15 -12.33 13.61
C ALA A 507 17.60 -13.28 12.51
N GLU A 508 16.69 -14.16 12.06
CA GLU A 508 17.08 -15.21 11.13
C GLU A 508 17.55 -14.65 9.80
N ARG A 509 17.02 -13.49 9.38
CA ARG A 509 17.42 -12.86 8.13
C ARG A 509 17.48 -11.35 8.33
N VAL A 510 18.47 -10.71 7.73
CA VAL A 510 18.67 -9.27 7.87
C VAL A 510 18.85 -8.69 6.49
N LEU A 511 17.99 -7.74 6.13
CA LEU A 511 18.16 -6.94 4.92
C LEU A 511 19.01 -5.73 5.25
N VAL A 512 20.07 -5.50 4.48
CA VAL A 512 20.96 -4.37 4.67
C VAL A 512 20.80 -3.45 3.47
N VAL A 513 20.53 -2.18 3.74
CA VAL A 513 20.35 -1.16 2.70
C VAL A 513 21.38 -0.07 2.93
N TYR A 514 22.34 0.05 2.04
CA TYR A 514 23.54 0.86 2.27
C TYR A 514 23.66 1.89 1.17
N VAL A 515 23.67 3.17 1.54
CA VAL A 515 23.96 4.26 0.62
C VAL A 515 25.38 4.71 0.88
N GLY A 516 26.28 4.36 -0.04
CA GLY A 516 27.69 4.62 0.12
C GLY A 516 28.48 3.82 -0.89
N ASP A 517 29.78 4.10 -0.94
CA ASP A 517 30.63 3.49 -1.96
C ASP A 517 31.66 2.53 -1.39
N GLY A 518 31.73 2.36 -0.07
CA GLY A 518 32.71 1.49 0.50
C GLY A 518 32.38 0.02 0.29
N GLU A 519 33.10 -0.81 1.06
CA GLU A 519 32.80 -2.22 1.22
C GLU A 519 32.60 -2.47 2.70
N LEU A 520 31.49 -3.10 3.07
CA LEU A 520 31.17 -3.23 4.47
C LEU A 520 31.58 -4.59 5.00
N PRO A 521 31.83 -4.70 6.31
CA PRO A 521 32.04 -6.03 6.91
C PRO A 521 30.75 -6.82 6.99
N VAL A 522 30.16 -7.12 5.83
CA VAL A 522 28.91 -7.86 5.74
C VAL A 522 29.11 -9.02 4.76
N LYS A 523 28.84 -10.24 5.23
CA LYS A 523 29.00 -11.44 4.42
C LYS A 523 27.64 -11.94 3.94
N THR A 524 27.51 -12.14 2.63
CA THR A 524 26.26 -12.59 2.02
C THR A 524 26.38 -13.99 1.46
N ASN A 525 27.11 -14.86 2.15
CA ASN A 525 27.42 -16.19 1.63
C ASN A 525 26.62 -17.30 2.29
N ASP A 526 25.67 -16.99 3.16
CA ASP A 526 24.89 -18.03 3.84
C ASP A 526 23.40 -17.84 3.72
N GLY A 527 22.95 -16.84 2.97
CA GLY A 527 21.53 -16.58 2.83
C GLY A 527 20.88 -15.89 4.00
N LYS A 528 21.63 -15.55 5.04
CA LYS A 528 21.01 -14.86 6.16
C LYS A 528 20.97 -13.35 5.98
N VAL A 529 21.70 -12.81 5.01
CA VAL A 529 21.77 -11.39 4.75
C VAL A 529 21.56 -11.16 3.26
N PHE A 530 20.74 -10.17 2.91
CA PHE A 530 20.71 -9.61 1.57
C PHE A 530 21.20 -8.17 1.64
N LEU A 531 22.09 -7.80 0.74
CA LEU A 531 22.69 -6.47 0.75
C LEU A 531 22.23 -5.68 -0.47
N VAL A 532 21.49 -4.58 -0.21
CA VAL A 532 21.18 -3.57 -1.21
C VAL A 532 22.18 -2.44 -1.03
N GLN A 533 22.82 -2.02 -2.12
CA GLN A 533 23.80 -0.95 -2.05
C GLN A 533 23.58 0.03 -3.21
N ILE A 534 23.43 1.30 -2.88
CA ILE A 534 23.33 2.37 -3.87
C ILE A 534 24.60 3.21 -3.78
N CYS A 535 25.36 3.25 -4.88
CA CYS A 535 26.69 3.84 -4.88
C CYS A 535 26.88 4.65 -6.16
N THR A 536 28.09 5.18 -6.32
CA THR A 536 28.45 5.97 -7.49
C THR A 536 29.37 5.24 -8.46
N LYS A 537 30.21 4.32 -7.98
CA LYS A 537 31.13 3.58 -8.82
C LYS A 537 30.50 2.25 -9.22
N GLU A 538 30.39 2.00 -10.53
CA GLU A 538 29.83 0.76 -11.01
C GLU A 538 30.73 -0.42 -10.62
N THR A 539 30.19 -1.35 -9.85
CA THR A 539 30.96 -2.49 -9.36
C THR A 539 30.19 -3.77 -9.67
N GLU A 540 30.84 -4.67 -10.41
CA GLU A 540 30.18 -5.89 -10.89
C GLU A 540 29.65 -6.72 -9.73
N ASP A 541 28.44 -7.24 -9.92
CA ASP A 541 27.78 -8.08 -8.93
C ASP A 541 27.94 -9.55 -9.32
N LYS A 542 28.40 -10.36 -8.38
CA LYS A 542 28.56 -11.79 -8.64
C LYS A 542 27.31 -12.56 -8.23
N CYS A 543 27.18 -12.86 -6.95
CA CYS A 543 26.14 -13.77 -6.49
C CYS A 543 24.82 -13.02 -6.27
N VAL A 544 23.79 -13.81 -6.01
CA VAL A 544 22.41 -13.34 -6.11
C VAL A 544 21.86 -12.91 -4.76
N ASN A 545 22.73 -12.66 -3.78
CA ASN A 545 22.29 -12.13 -2.50
C ASN A 545 22.71 -10.67 -2.34
N ARG A 546 22.91 -10.00 -3.46
CA ARG A 546 23.38 -8.62 -3.47
C ARG A 546 22.79 -7.91 -4.68
N LEU A 547 22.38 -6.66 -4.46
CA LEU A 547 21.83 -5.80 -5.52
C LEU A 547 22.54 -4.45 -5.41
N THR A 548 23.39 -4.16 -6.39
CA THR A 548 24.19 -2.94 -6.40
C THR A 548 23.64 -2.00 -7.46
N LEU A 549 23.25 -0.79 -7.05
CA LEU A 549 22.61 0.18 -7.92
C LEU A 549 23.55 1.37 -8.07
N CYS A 550 24.14 1.50 -9.26
CA CYS A 550 25.02 2.60 -9.58
C CYS A 550 24.28 3.52 -10.55
N LEU A 551 23.75 4.63 -10.03
CA LEU A 551 22.93 5.53 -10.81
C LEU A 551 23.71 6.79 -11.17
N ARG A 552 23.56 7.23 -12.42
CA ARG A 552 24.33 8.33 -12.96
C ARG A 552 24.00 9.64 -12.23
N GLU A 553 24.91 10.60 -12.36
CA GLU A 553 24.71 11.92 -11.78
C GLU A 553 23.64 12.70 -12.54
N GLY A 554 23.04 13.68 -11.86
CA GLY A 554 22.18 14.64 -12.51
C GLY A 554 20.82 14.72 -11.88
N GLU A 555 19.96 15.53 -12.50
CA GLU A 555 18.57 15.69 -12.07
C GLU A 555 17.74 14.44 -12.35
N SER A 556 18.26 13.51 -13.15
CA SER A 556 17.59 12.25 -13.43
C SER A 556 17.70 11.24 -12.29
N LEU A 557 18.46 11.57 -11.25
CA LEU A 557 18.79 10.59 -10.22
C LEU A 557 17.59 10.24 -9.36
N THR A 558 16.68 11.19 -9.13
CA THR A 558 15.56 10.95 -8.24
C THR A 558 14.62 9.90 -8.80
N ALA A 559 14.21 10.05 -10.06
CA ALA A 559 13.27 9.11 -10.67
C ALA A 559 13.89 7.74 -10.81
N GLY A 560 15.17 7.67 -11.16
CA GLY A 560 15.84 6.38 -11.26
C GLY A 560 15.81 5.63 -9.94
N PHE A 561 16.08 6.33 -8.84
CA PHE A 561 16.03 5.68 -7.54
C PHE A 561 14.64 5.13 -7.23
N MET A 562 13.60 5.95 -7.46
CA MET A 562 12.25 5.49 -7.19
C MET A 562 11.90 4.29 -8.06
N GLN A 563 12.29 4.31 -9.33
CA GLN A 563 12.02 3.18 -10.20
C GLN A 563 12.74 1.92 -9.70
N ALA A 564 14.00 2.08 -9.24
CA ALA A 564 14.71 0.97 -8.63
C ALA A 564 14.03 0.49 -7.36
N LEU A 565 13.53 1.43 -6.55
CA LEU A 565 12.93 1.08 -5.27
C LEU A 565 11.68 0.23 -5.48
N LEU A 566 10.81 0.66 -6.38
CA LEU A 566 9.56 -0.06 -6.61
C LEU A 566 9.77 -1.31 -7.45
N GLY A 567 10.69 -1.29 -8.41
CA GLY A 567 10.80 -2.37 -9.37
C GLY A 567 11.80 -3.45 -9.04
N LEU A 568 12.77 -3.15 -8.17
CA LEU A 568 13.83 -4.09 -7.81
C LEU A 568 13.95 -4.28 -6.30
N ILE A 569 14.14 -3.18 -5.57
CA ILE A 569 14.42 -3.30 -4.14
C ILE A 569 13.26 -3.95 -3.41
N LEU A 570 12.06 -3.41 -3.58
CA LEU A 570 10.91 -3.93 -2.84
C LEU A 570 10.52 -5.36 -3.23
N PRO A 571 10.50 -5.74 -4.53
CA PRO A 571 10.23 -7.14 -4.84
C PRO A 571 11.19 -8.09 -4.15
N VAL A 572 12.49 -7.81 -4.15
CA VAL A 572 13.43 -8.71 -3.47
C VAL A 572 13.23 -8.67 -1.97
N ALA A 573 13.17 -7.46 -1.40
CA ALA A 573 13.01 -7.33 0.05
C ALA A 573 11.81 -8.13 0.52
N TYR A 574 10.70 -8.04 -0.21
CA TYR A 574 9.48 -8.72 0.18
C TYR A 574 9.62 -10.23 0.08
N GLU A 575 10.23 -10.72 -0.99
CA GLU A 575 10.47 -12.17 -1.06
C GLU A 575 11.45 -12.63 0.01
N PHE A 576 12.53 -11.86 0.22
CA PHE A 576 13.52 -12.21 1.25
C PHE A 576 12.88 -12.32 2.63
N ASN A 577 11.92 -11.45 2.94
CA ASN A 577 11.18 -11.44 4.21
C ASN A 577 12.12 -11.35 5.43
N PRO A 578 12.85 -10.25 5.60
CA PRO A 578 13.80 -10.16 6.73
C PRO A 578 13.08 -9.97 8.06
N ALA A 579 13.80 -10.31 9.14
CA ALA A 579 13.30 -10.02 10.48
C ALA A 579 13.79 -8.67 11.00
N LEU A 580 14.81 -8.10 10.37
CA LEU A 580 15.32 -6.77 10.69
C LEU A 580 15.81 -6.13 9.39
N VAL A 581 15.65 -4.81 9.30
CA VAL A 581 16.22 -4.01 8.23
C VAL A 581 17.28 -3.12 8.84
N LEU A 582 18.46 -3.08 8.21
CA LEU A 582 19.58 -2.27 8.67
C LEU A 582 19.92 -1.25 7.59
N GLY A 583 19.63 0.01 7.85
CA GLY A 583 19.95 1.09 6.92
C GLY A 583 21.27 1.76 7.27
N ILE A 584 22.05 2.08 6.25
CA ILE A 584 23.39 2.64 6.45
C ILE A 584 23.63 3.74 5.42
N VAL A 585 23.99 4.92 5.89
CA VAL A 585 24.32 6.05 5.02
C VAL A 585 25.70 6.56 5.41
N GLU A 586 26.61 6.62 4.45
CA GLU A 586 27.92 7.19 4.71
C GLU A 586 27.88 8.70 4.50
N GLU A 587 28.78 9.40 5.20
CA GLU A 587 28.75 10.86 5.19
C GLU A 587 28.88 11.41 3.78
N THR A 588 29.67 10.76 2.93
CA THR A 588 29.81 11.19 1.54
C THR A 588 28.57 10.82 0.73
N LEU A 594 21.71 12.98 -4.08
CA LEU A 594 20.42 12.30 -3.94
C LEU A 594 19.80 12.61 -2.58
N MET A 595 19.26 11.57 -1.94
CA MET A 595 18.65 11.60 -0.61
C MET A 595 17.37 12.43 -0.54
N ARG A 596 16.85 12.89 -1.68
CA ARG A 596 15.49 13.41 -1.77
C ARG A 596 14.46 12.30 -1.66
N VAL A 597 14.91 11.05 -1.64
CA VAL A 597 14.03 9.88 -1.62
C VAL A 597 14.15 9.10 -0.34
N TRP A 598 15.05 9.48 0.57
CA TRP A 598 15.29 8.67 1.76
C TRP A 598 14.03 8.49 2.58
N GLY A 599 13.15 9.51 2.60
CA GLY A 599 11.91 9.40 3.35
C GLY A 599 10.97 8.39 2.74
N HIS A 600 10.93 8.34 1.40
CA HIS A 600 10.07 7.35 0.74
C HIS A 600 10.60 5.94 0.96
N MET A 601 11.90 5.74 0.82
CA MET A 601 12.44 4.40 1.06
C MET A 601 12.19 3.96 2.51
N THR A 602 12.47 4.85 3.47
CA THR A 602 12.28 4.51 4.88
C THR A 602 10.84 4.13 5.17
N CYS A 603 9.88 4.82 4.55
CA CYS A 603 8.47 4.49 4.77
CA CYS A 603 8.48 4.47 4.79
C CYS A 603 8.11 3.15 4.13
N LEU A 604 8.46 2.97 2.86
CA LEU A 604 8.06 1.75 2.16
C LEU A 604 8.77 0.52 2.74
N ILE A 605 10.04 0.65 3.10
CA ILE A 605 10.79 -0.49 3.66
C ILE A 605 10.25 -0.92 5.03
N GLN A 606 9.50 -0.07 5.73
CA GLN A 606 8.86 -0.54 6.97
C GLN A 606 7.74 -1.53 6.73
N GLY A 607 7.39 -1.81 5.47
CA GLY A 607 6.54 -2.96 5.23
C GLY A 607 7.20 -4.29 5.55
N LEU A 608 8.53 -4.30 5.66
CA LEU A 608 9.29 -5.49 6.01
C LEU A 608 9.57 -5.55 7.52
N ALA A 609 9.80 -6.76 8.01
CA ALA A 609 10.30 -6.98 9.37
C ALA A 609 9.39 -6.37 10.44
N ARG A 610 8.08 -6.30 10.18
CA ARG A 610 7.13 -5.65 11.08
C ARG A 610 7.56 -4.23 11.42
N GLY A 611 8.24 -3.56 10.48
CA GLY A 611 8.67 -2.19 10.69
C GLY A 611 9.93 -2.03 11.52
N ARG A 612 10.59 -3.13 11.87
CA ARG A 612 11.81 -3.10 12.69
C ARG A 612 12.97 -2.73 11.79
N MET A 613 13.33 -1.45 11.78
CA MET A 613 14.45 -0.93 10.99
C MET A 613 15.38 -0.12 11.88
N LEU A 614 16.68 -0.41 11.80
CA LEU A 614 17.71 0.37 12.48
C LEU A 614 18.54 1.07 11.43
N THR A 615 18.62 2.40 11.52
CA THR A 615 19.39 3.19 10.56
C THR A 615 20.60 3.81 11.25
N LEU A 616 21.77 3.62 10.65
CA LEU A 616 23.01 4.23 11.10
C LEU A 616 23.36 5.35 10.14
N LEU A 617 23.44 6.57 10.66
CA LEU A 617 23.86 7.72 9.87
C LEU A 617 25.29 8.06 10.26
N GLN A 618 26.18 8.11 9.27
CA GLN A 618 27.58 8.44 9.52
C GLN A 618 27.76 9.95 9.44
N GLY A 619 28.15 10.56 10.55
CA GLY A 619 28.22 12.01 10.66
C GLY A 619 26.87 12.60 11.01
N TYR A 620 26.87 13.75 11.68
CA TYR A 620 25.63 14.46 11.97
C TYR A 620 25.23 15.30 10.78
N ASP A 621 24.00 15.11 10.30
CA ASP A 621 23.36 16.03 9.36
C ASP A 621 21.97 16.29 9.90
N LYS A 622 21.74 17.50 10.41
CA LYS A 622 20.50 17.79 11.14
C LYS A 622 19.27 17.43 10.33
N ASP A 623 19.27 17.75 9.03
CA ASP A 623 18.07 17.56 8.23
C ASP A 623 17.86 16.09 7.88
N LEU A 624 18.92 15.39 7.48
CA LEU A 624 18.78 13.97 7.19
C LEU A 624 18.37 13.19 8.43
N LEU A 625 18.84 13.61 9.61
CA LEU A 625 18.42 12.94 10.84
C LEU A 625 16.95 13.20 11.13
N GLU A 626 16.47 14.43 10.92
CA GLU A 626 15.06 14.71 11.19
C GLU A 626 14.17 14.04 10.16
N LEU A 627 14.58 14.04 8.89
CA LEU A 627 13.86 13.31 7.85
C LEU A 627 13.76 11.83 8.18
N THR A 628 14.88 11.21 8.56
CA THR A 628 14.88 9.78 8.91
C THR A 628 13.96 9.50 10.08
N VAL A 629 14.05 10.32 11.13
CA VAL A 629 13.22 10.12 12.31
C VAL A 629 11.74 10.29 11.98
N SER A 630 11.43 11.25 11.11
CA SER A 630 10.05 11.52 10.77
C SER A 630 9.43 10.34 10.04
N ALA A 631 10.15 9.77 9.06
CA ALA A 631 9.61 8.62 8.33
C ALA A 631 9.55 7.38 9.21
N LEU A 632 10.58 7.16 10.04
CA LEU A 632 10.55 6.02 10.96
C LEU A 632 9.37 6.10 11.92
N SER A 633 8.99 7.32 12.32
CA SER A 633 7.96 7.51 13.34
C SER A 633 6.54 7.48 12.77
N GLY A 634 6.39 7.33 11.47
CA GLY A 634 5.07 7.19 10.88
C GLY A 634 4.46 8.49 10.41
N ALA A 635 5.23 9.57 10.37
CA ALA A 635 4.69 10.83 9.87
C ALA A 635 4.49 10.75 8.36
N SER A 636 3.72 11.71 7.85
CA SER A 636 3.45 11.77 6.42
C SER A 636 4.70 12.22 5.67
N ILE A 637 4.80 11.78 4.42
CA ILE A 637 5.96 12.00 3.58
C ILE A 637 5.62 13.08 2.57
N SER A 638 6.50 14.06 2.43
CA SER A 638 6.26 15.13 1.47
C SER A 638 6.31 14.56 0.05
N PRO A 639 5.37 14.94 -0.82
CA PRO A 639 5.37 14.37 -2.19
C PRO A 639 6.65 14.71 -2.93
N LEU A 640 6.92 13.95 -3.99
CA LEU A 640 8.14 14.17 -4.77
C LEU A 640 7.95 15.13 -5.92
N GLY A 641 6.73 15.27 -6.44
CA GLY A 641 6.49 16.09 -7.61
C GLY A 641 7.04 15.47 -8.88
N PRO A 642 7.48 16.33 -9.82
CA PRO A 642 8.02 15.92 -11.13
C PRO A 642 9.37 15.22 -11.05
N ARG A 644 11.84 14.49 -13.45
CA ARG A 644 12.60 14.23 -14.67
C ARG A 644 12.92 12.73 -14.83
N ALA A 645 12.42 12.13 -15.92
CA ALA A 645 12.51 10.70 -16.23
C ALA A 645 13.94 10.18 -16.17
N PRO A 646 14.15 8.89 -15.93
CA PRO A 646 15.51 8.37 -15.71
C PRO A 646 16.30 8.27 -17.01
N LYS A 647 17.63 8.27 -16.84
CA LYS A 647 18.53 8.12 -17.98
C LYS A 647 18.39 6.71 -18.56
N PRO A 648 18.46 6.57 -19.88
CA PRO A 648 18.43 5.22 -20.48
C PRO A 648 19.53 4.32 -19.97
N GLU A 649 20.68 4.87 -19.60
CA GLU A 649 21.73 4.05 -18.99
C GLU A 649 21.27 3.49 -17.66
N ASP A 650 20.49 4.27 -16.90
CA ASP A 650 19.98 3.80 -15.61
C ASP A 650 18.94 2.69 -15.78
N VAL A 651 18.02 2.85 -16.73
CA VAL A 651 17.01 1.81 -16.93
C VAL A 651 17.66 0.55 -17.47
N GLU A 652 18.69 0.69 -18.31
CA GLU A 652 19.44 -0.46 -18.79
C GLU A 652 20.12 -1.19 -17.64
N MET A 653 20.76 -0.43 -16.75
CA MET A 653 21.42 -1.05 -15.59
C MET A 653 20.43 -1.78 -14.71
N MET A 654 19.27 -1.16 -14.45
CA MET A 654 18.27 -1.79 -13.59
C MET A 654 17.69 -3.05 -14.23
N GLU A 655 17.41 -3.02 -15.54
CA GLU A 655 16.91 -4.23 -16.20
C GLU A 655 17.99 -5.30 -16.30
N LYS A 656 19.26 -4.90 -16.43
CA LYS A 656 20.35 -5.86 -16.32
C LYS A 656 20.36 -6.52 -14.94
N GLN A 657 20.02 -5.74 -13.90
CA GLN A 657 19.93 -6.33 -12.56
C GLN A 657 18.72 -7.26 -12.44
N ARG A 658 17.58 -6.89 -13.04
CA ARG A 658 16.44 -7.80 -13.01
C ARG A 658 16.75 -9.13 -13.71
N GLN A 659 17.38 -9.07 -14.88
CA GLN A 659 17.72 -10.31 -15.58
C GLN A 659 18.64 -11.17 -14.73
N ARG A 660 19.61 -10.54 -14.06
CA ARG A 660 20.57 -11.28 -13.25
C ARG A 660 19.91 -11.93 -12.03
N LEU A 661 18.85 -11.34 -11.50
CA LEU A 661 18.34 -11.73 -10.19
C LEU A 661 16.99 -12.45 -10.23
N GLN A 662 16.24 -12.37 -11.31
CA GLN A 662 14.85 -12.81 -11.24
C GLN A 662 14.67 -14.31 -11.22
N GLU A 663 15.68 -15.09 -11.61
CA GLU A 663 15.55 -16.54 -11.48
C GLU A 663 15.64 -16.95 -10.01
N ARG A 664 16.49 -16.29 -9.24
CA ARG A 664 16.52 -16.53 -7.79
C ARG A 664 15.32 -15.90 -7.10
N TRP A 665 15.00 -14.66 -7.45
CA TRP A 665 13.96 -13.87 -6.77
C TRP A 665 12.80 -13.65 -7.74
N GLY A 666 11.86 -14.61 -7.76
CA GLY A 666 10.80 -14.63 -8.75
C GLY A 666 9.83 -13.46 -8.66
N LEU A 667 9.77 -12.78 -7.51
CA LEU A 667 8.87 -11.64 -7.40
C LEU A 667 9.35 -10.46 -8.23
N LEU A 668 10.59 -10.50 -8.72
CA LEU A 668 11.08 -9.52 -9.68
C LEU A 668 10.47 -9.65 -11.07
N ARG A 669 9.84 -10.77 -11.42
CA ARG A 669 9.45 -11.00 -12.81
C ARG A 669 8.25 -10.14 -13.20
N CYS A 670 8.32 -9.51 -14.38
CA CYS A 670 7.15 -8.84 -14.94
C CYS A 670 6.86 -9.29 -16.37
N THR A 671 7.36 -10.47 -16.76
CA THR A 671 7.06 -11.12 -18.03
C THR A 671 6.97 -12.62 -17.78
N VAL A 672 6.31 -13.34 -18.68
CA VAL A 672 6.34 -14.79 -18.60
C VAL A 672 7.73 -15.29 -18.97
N SER A 673 8.25 -16.24 -18.21
CA SER A 673 9.55 -16.81 -18.54
C SER A 673 9.48 -17.63 -19.82
N GLU A 674 10.56 -17.59 -20.59
CA GLU A 674 10.66 -18.41 -21.80
C GLU A 674 10.90 -19.88 -21.41
N SER A 675 9.98 -20.75 -21.82
CA SER A 675 10.20 -22.18 -21.64
C SER A 675 11.31 -22.66 -22.58
N TRP A 676 12.17 -23.53 -22.08
CA TRP A 676 13.25 -24.06 -22.90
C TRP A 676 12.69 -24.96 -23.99
O2 N9W B . -18.79 -7.39 -5.22
C1 N9W B . -19.42 -7.19 -6.23
N1 N9W B . -19.00 -6.09 -7.13
O1 N9W B . -17.90 -5.36 -6.65
C2 N9W B . -20.59 -8.06 -6.67
C7 N9W B . -21.48 -7.65 -7.65
C6 N9W B . -22.53 -8.46 -8.07
C5 N9W B . -22.75 -9.72 -7.55
C4 N9W B . -21.86 -10.14 -6.56
C3 N9W B . -20.80 -9.33 -6.13
C8 N9W B . -23.95 -10.57 -7.98
N2 N9W B . -24.07 -11.24 -9.29
C20 N9W B . -23.04 -11.80 -10.04
C19 N9W B . -21.58 -11.84 -9.71
C18 N9W B . -20.71 -12.73 -10.60
N3 N9W B . -21.48 -13.75 -11.22
C17 N9W B . -21.94 -14.73 -10.14
C16 N9W B . -22.65 -13.05 -12.09
C15 N9W B . -23.55 -12.34 -11.18
C14 N9W B . -24.97 -12.16 -11.21
C9 N9W B . -25.29 -11.46 -10.01
C13 N9W B . -26.00 -12.50 -12.11
C12 N9W B . -27.31 -12.15 -11.82
C11 N9W B . -27.61 -11.45 -10.64
C10 N9W B . -26.63 -11.13 -9.73
C1 EDO C . -4.17 14.89 5.74
O1 EDO C . -5.51 15.37 5.81
C2 EDO C . -3.19 16.03 5.67
O2 EDO C . -1.92 15.56 5.20
C1 EDO D . -1.98 9.18 11.47
O1 EDO D . -1.76 9.74 12.77
C2 EDO D . -2.68 7.82 11.56
O2 EDO D . -4.04 7.93 12.03
C1 EDO E . -33.88 16.01 -10.10
O1 EDO E . -32.86 16.95 -10.41
C2 EDO E . -33.38 14.61 -10.45
O2 EDO E . -34.48 13.83 -10.94
C1 EDO F . 8.32 0.26 -26.39
O1 EDO F . 8.78 -0.93 -25.72
C2 EDO F . 8.92 0.41 -27.78
O2 EDO F . 10.36 0.43 -27.70
C1 EDO G . -13.55 -21.93 -12.49
O1 EDO G . -13.61 -20.55 -12.89
C2 EDO G . -13.28 -22.03 -11.00
O2 EDO G . -14.44 -21.58 -10.30
K K H . -11.45 -3.99 -9.06
K K I . -9.23 8.55 -16.22
P PO4 J . -7.15 -11.51 -22.33
O1 PO4 J . -5.76 -12.08 -22.40
O2 PO4 J . -8.21 -12.58 -22.27
O3 PO4 J . -7.19 -10.69 -21.04
O4 PO4 J . -7.43 -10.59 -23.50
P PO4 K . -3.95 -17.76 -19.36
O1 PO4 K . -3.17 -18.67 -18.43
O2 PO4 K . -4.12 -16.42 -18.69
O3 PO4 K . -5.31 -18.35 -19.62
O4 PO4 K . -3.21 -17.55 -20.64
P PO4 L . -5.23 -6.70 17.33
O1 PO4 L . -3.78 -6.68 17.75
O2 PO4 L . -5.33 -7.19 15.89
O3 PO4 L . -6.01 -7.64 18.24
O4 PO4 L . -5.79 -5.30 17.42
ZN ZN M . -16.85 -7.05 -5.94
#